data_4KBB
#
_entry.id   4KBB
#
_cell.length_a   47.163
_cell.length_b   158.237
_cell.length_c   75.244
_cell.angle_alpha   90.00
_cell.angle_beta   108.44
_cell.angle_gamma   90.00
#
_symmetry.space_group_name_H-M   'P 1 21 1'
#
loop_
_entity.id
_entity.type
_entity.pdbx_description
1 polymer 'Botulinum neurotoxin type B'
2 polymer Synaptotagmin-2
3 branched 'N-acetyl-alpha-neuraminic acid-(2-3)-beta-D-galactopyranose-(1-3)-2-acetamido-2-deoxy-beta-D-galactopyranose-(1-4)-[N-acetyl-alpha-neuraminic acid-(2-3)]beta-D-galactopyranose-(1-4)-beta-D-glucopyranose'
4 non-polymer 'CHLORIDE ION'
5 non-polymer 'MAGNESIUM ION'
6 water water
#
loop_
_entity_poly.entity_id
_entity_poly.type
_entity_poly.pdbx_seq_one_letter_code
_entity_poly.pdbx_strand_id
1 'polypeptide(L)'
;MGSSHHHHHHSSGLVPRGSHMASMNSEILNNIILNLRYKDNNLIDLSGYGAKVEVYDGVELNDKNQFKLTSSANSKIRVT
QNQNIIFNSVFLDFSVSFWIRIPKYKNDGIQNYIHNEYTIINCMKNNSGWKISIRGNRIIWTLIDINGKTKSVFFEYNIR
EDISEYINRWFFVTITNNLNNAKIYINGKLESNTDIKDIREVIANGEIIFKLDGDIDRTQFIWMKYFSIFNTELSQSNIE
ERYKIQSYSEYLKDFWGNPLMYNKEYYMFNAGNKNSYIKLKKDSPVGEILTRSKYNQNSKYINYRDLYIGEKFIIRRKSN
SQSINDDIVRKEDYIYLDFFNLNQEWRVYTYKYFKKEEEKLFLAPISDSDEFYNTIQIKEYDEQPTYSCQLLFKKDEEST
DEIGLIGIHRFYESGIVFEEYKDYFCISKWYLKEVKRKPYNLKLGCNWQFIPKDEGWTE
;
A,B
2 'polypeptide(L)' EGWTENQEPNVAPATTTATMPLAPVAPADNSTESTGPGESQEDMFAKLKEKFFNEINKIVLEHHHHHH C,D
#
# COMPACT_ATOMS: atom_id res chain seq x y z
N ASN A 30 -15.22 10.42 -35.75
CA ASN A 30 -14.00 9.64 -35.95
C ASN A 30 -14.19 8.15 -35.57
N ASN A 31 -14.89 7.41 -36.42
CA ASN A 31 -15.31 6.02 -36.18
C ASN A 31 -16.40 5.87 -35.12
N ILE A 32 -16.98 6.98 -34.69
CA ILE A 32 -18.02 6.99 -33.67
C ILE A 32 -19.40 6.79 -34.29
N ILE A 33 -20.14 5.82 -33.80
CA ILE A 33 -21.42 5.50 -34.41
C ILE A 33 -22.60 5.72 -33.47
N LEU A 34 -22.32 5.98 -32.21
CA LEU A 34 -23.37 6.38 -31.29
C LEU A 34 -22.74 7.30 -30.26
N ASN A 35 -23.35 8.45 -30.05
CA ASN A 35 -22.79 9.44 -29.15
C ASN A 35 -23.90 10.10 -28.34
N LEU A 36 -24.29 9.43 -27.26
CA LEU A 36 -25.36 9.91 -26.39
C LEU A 36 -24.94 11.14 -25.62
N ARG A 37 -25.67 12.24 -25.81
CA ARG A 37 -25.35 13.50 -25.14
C ARG A 37 -26.60 14.26 -24.67
N TYR A 38 -26.43 15.01 -23.58
CA TYR A 38 -27.49 15.85 -23.04
C TYR A 38 -27.80 17.03 -23.96
N LYS A 39 -29.08 17.32 -24.09
CA LYS A 39 -29.55 18.49 -24.80
C LYS A 39 -30.98 18.71 -24.41
N ASP A 40 -31.28 19.93 -23.96
CA ASP A 40 -32.66 20.32 -23.66
C ASP A 40 -33.40 19.33 -22.76
N ASN A 41 -32.87 19.08 -21.58
CA ASN A 41 -33.48 18.14 -20.64
C ASN A 41 -33.84 16.83 -21.33
N ASN A 42 -32.90 16.35 -22.13
CA ASN A 42 -33.06 15.09 -22.84
C ASN A 42 -31.68 14.56 -23.20
N LEU A 43 -31.60 13.29 -23.55
CA LEU A 43 -30.37 12.74 -24.09
C LEU A 43 -30.62 12.44 -25.54
N ILE A 44 -29.66 12.79 -26.38
CA ILE A 44 -29.86 12.71 -27.80
C ILE A 44 -28.57 12.17 -28.42
N ASP A 45 -28.70 11.37 -29.47
CA ASP A 45 -27.52 10.89 -30.17
C ASP A 45 -26.93 11.96 -31.07
N LEU A 46 -25.72 12.39 -30.73
CA LEU A 46 -25.03 13.42 -31.49
C LEU A 46 -23.89 12.88 -32.35
N SER A 47 -23.96 11.63 -32.73
CA SER A 47 -22.94 10.98 -33.54
C SER A 47 -22.86 11.53 -34.94
N GLY A 48 -23.97 12.09 -35.40
CA GLY A 48 -24.09 12.49 -36.80
C GLY A 48 -24.81 11.44 -37.63
N TYR A 49 -25.25 10.35 -36.99
CA TYR A 49 -25.95 9.27 -37.68
C TYR A 49 -27.44 9.23 -37.36
N GLY A 50 -27.83 10.02 -36.37
CA GLY A 50 -29.21 10.38 -36.12
C GLY A 50 -30.15 9.31 -35.61
N ALA A 51 -29.65 8.44 -34.73
CA ALA A 51 -30.47 7.42 -34.10
C ALA A 51 -31.54 8.03 -33.21
N LYS A 52 -32.65 7.32 -33.07
CA LYS A 52 -33.70 7.72 -32.15
C LYS A 52 -33.37 7.28 -30.72
N VAL A 53 -33.50 8.23 -29.80
CA VAL A 53 -33.25 7.99 -28.38
C VAL A 53 -34.47 8.35 -27.54
N GLU A 54 -35.01 7.37 -26.83
CA GLU A 54 -36.20 7.58 -26.02
C GLU A 54 -35.84 7.44 -24.55
N VAL A 55 -35.77 8.56 -23.86
CA VAL A 55 -35.47 8.61 -22.45
C VAL A 55 -36.77 8.68 -21.67
N TYR A 56 -37.01 7.72 -20.81
CA TYR A 56 -38.27 7.68 -20.08
C TYR A 56 -38.16 8.51 -18.79
N ASP A 57 -39.29 8.71 -18.12
CA ASP A 57 -39.41 9.73 -17.09
C ASP A 57 -38.61 9.44 -15.83
N GLY A 58 -38.28 8.16 -15.64
CA GLY A 58 -37.53 7.75 -14.47
C GLY A 58 -36.04 8.01 -14.53
N VAL A 59 -35.55 8.49 -15.66
CA VAL A 59 -34.12 8.80 -15.82
C VAL A 59 -33.87 10.22 -15.36
N GLU A 60 -32.95 10.38 -14.42
CA GLU A 60 -32.57 11.72 -13.97
C GLU A 60 -31.44 12.26 -14.83
N LEU A 61 -31.54 13.52 -15.24
CA LEU A 61 -30.54 14.14 -16.12
C LEU A 61 -29.97 15.42 -15.51
N ASN A 62 -28.77 15.82 -15.94
CA ASN A 62 -28.28 17.18 -15.67
C ASN A 62 -27.42 17.67 -16.81
N ASP A 63 -27.14 18.97 -16.84
CA ASP A 63 -26.40 19.60 -17.93
C ASP A 63 -24.90 19.34 -17.92
N LYS A 64 -24.46 18.51 -16.99
CA LYS A 64 -23.08 18.09 -16.95
C LYS A 64 -22.97 16.75 -17.61
N ASN A 65 -24.03 16.39 -18.33
CA ASN A 65 -24.11 15.14 -19.08
C ASN A 65 -24.26 13.86 -18.26
N GLN A 66 -24.56 13.99 -16.96
CA GLN A 66 -24.71 12.81 -16.13
C GLN A 66 -26.16 12.34 -16.12
N PHE A 67 -26.36 11.03 -16.21
CA PHE A 67 -27.71 10.46 -16.14
C PHE A 67 -27.76 9.29 -15.17
N LYS A 68 -28.90 9.13 -14.51
CA LYS A 68 -29.03 8.22 -13.39
C LYS A 68 -30.08 7.13 -13.63
N LEU A 69 -29.66 5.86 -13.47
CA LEU A 69 -30.59 4.74 -13.62
C LEU A 69 -30.99 4.24 -12.25
N THR A 70 -32.31 4.25 -11.99
CA THR A 70 -32.84 3.83 -10.69
C THR A 70 -33.59 2.50 -10.84
N SER A 71 -34.15 2.01 -9.73
CA SER A 71 -34.90 0.75 -9.74
C SER A 71 -36.32 0.83 -10.33
N SER A 72 -36.82 2.03 -10.56
CA SER A 72 -38.21 2.18 -11.03
C SER A 72 -38.37 1.76 -12.49
N ALA A 73 -39.54 1.25 -12.84
CA ALA A 73 -39.76 0.66 -14.16
C ALA A 73 -39.60 1.64 -15.32
N ASN A 74 -39.98 2.90 -15.12
CA ASN A 74 -39.87 3.86 -16.22
C ASN A 74 -38.53 4.56 -16.21
N SER A 75 -37.60 4.08 -15.39
CA SER A 75 -36.27 4.65 -15.39
C SER A 75 -35.42 3.92 -16.44
N LYS A 76 -35.58 4.31 -17.70
CA LYS A 76 -34.87 3.64 -18.78
C LYS A 76 -34.66 4.50 -20.03
N ILE A 77 -33.74 4.07 -20.87
CA ILE A 77 -33.52 4.68 -22.18
C ILE A 77 -33.52 3.61 -23.27
N ARG A 78 -34.36 3.80 -24.29
CA ARG A 78 -34.33 2.94 -25.48
C ARG A 78 -33.72 3.68 -26.66
N VAL A 79 -32.68 3.08 -27.26
CA VAL A 79 -32.01 3.65 -28.44
C VAL A 79 -32.25 2.76 -29.65
N THR A 80 -32.77 3.34 -30.73
CA THR A 80 -33.00 2.59 -31.95
C THR A 80 -31.97 3.00 -32.98
N GLN A 81 -31.04 2.10 -33.23
CA GLN A 81 -29.89 2.37 -34.09
C GLN A 81 -30.19 2.69 -35.55
N ASN A 82 -29.34 3.53 -36.13
CA ASN A 82 -29.30 3.67 -37.56
C ASN A 82 -28.92 2.28 -38.02
N GLN A 83 -29.78 1.68 -38.84
CA GLN A 83 -29.59 0.28 -39.24
C GLN A 83 -28.57 0.18 -40.36
N ASN A 84 -28.02 1.33 -40.75
CA ASN A 84 -26.99 1.38 -41.78
C ASN A 84 -25.56 1.28 -41.28
N ILE A 85 -25.34 1.47 -39.98
CA ILE A 85 -23.96 1.53 -39.50
C ILE A 85 -23.72 0.73 -38.23
N ILE A 86 -24.24 -0.49 -38.19
CA ILE A 86 -24.08 -1.35 -37.03
C ILE A 86 -22.65 -1.90 -37.00
N PHE A 87 -22.32 -2.72 -36.01
CA PHE A 87 -20.99 -3.31 -35.99
C PHE A 87 -20.95 -4.60 -36.79
N ASN A 88 -19.74 -5.05 -37.13
CA ASN A 88 -19.60 -6.26 -37.92
C ASN A 88 -19.80 -7.45 -37.04
N SER A 89 -20.76 -8.28 -37.42
CA SER A 89 -21.21 -9.42 -36.63
C SER A 89 -20.22 -10.56 -36.48
N VAL A 90 -19.22 -10.62 -37.35
CA VAL A 90 -18.26 -11.72 -37.30
C VAL A 90 -16.82 -11.30 -36.97
N PHE A 91 -16.41 -10.14 -37.48
CA PHE A 91 -15.10 -9.60 -37.14
C PHE A 91 -15.17 -8.91 -35.80
N LEU A 92 -16.39 -8.49 -35.45
CA LEU A 92 -16.69 -8.04 -34.11
C LEU A 92 -15.87 -6.80 -33.78
N ASP A 93 -15.75 -5.88 -34.72
CA ASP A 93 -14.81 -4.77 -34.58
C ASP A 93 -15.51 -3.54 -34.04
N PHE A 94 -15.60 -3.45 -32.71
CA PHE A 94 -16.31 -2.34 -32.12
C PHE A 94 -15.93 -2.12 -30.67
N SER A 95 -16.19 -0.90 -30.20
CA SER A 95 -15.77 -0.45 -28.88
C SER A 95 -16.91 0.32 -28.19
N VAL A 96 -16.97 0.23 -26.87
CA VAL A 96 -17.95 0.99 -26.07
C VAL A 96 -17.23 1.80 -24.98
N SER A 97 -17.49 3.10 -24.90
CA SER A 97 -16.89 3.88 -23.83
C SER A 97 -17.96 4.64 -23.07
N PHE A 98 -17.70 4.87 -21.79
CA PHE A 98 -18.57 5.65 -20.91
C PHE A 98 -17.91 5.86 -19.56
N TRP A 99 -18.40 6.83 -18.81
CA TRP A 99 -17.99 6.99 -17.43
C TRP A 99 -19.11 6.46 -16.54
N ILE A 100 -18.74 5.89 -15.40
CA ILE A 100 -19.73 5.34 -14.51
C ILE A 100 -19.41 5.70 -13.06
N ARG A 101 -20.44 5.79 -12.24
CA ARG A 101 -20.25 6.04 -10.82
C ARG A 101 -21.16 5.12 -10.05
N ILE A 102 -20.57 4.12 -9.43
CA ILE A 102 -21.37 3.10 -8.80
C ILE A 102 -21.31 3.30 -7.29
N PRO A 103 -22.49 3.40 -6.63
CA PRO A 103 -22.54 3.67 -5.20
C PRO A 103 -21.87 2.58 -4.35
N LYS A 104 -21.43 2.96 -3.16
CA LYS A 104 -20.92 2.01 -2.17
C LYS A 104 -21.98 1.00 -1.75
N TYR A 105 -21.55 -0.19 -1.35
CA TYR A 105 -22.43 -1.16 -0.69
C TYR A 105 -23.05 -0.63 0.60
N LYS A 106 -24.20 -1.17 0.97
CA LYS A 106 -24.76 -0.95 2.29
C LYS A 106 -24.03 -1.90 3.22
N ASN A 107 -23.68 -1.43 4.41
CA ASN A 107 -22.94 -2.27 5.36
C ASN A 107 -23.74 -3.50 5.79
N ASP A 108 -25.06 -3.42 5.64
CA ASP A 108 -25.93 -4.54 6.00
C ASP A 108 -26.54 -5.30 4.82
N GLY A 109 -26.22 -4.87 3.60
CA GLY A 109 -26.67 -5.53 2.38
C GLY A 109 -25.51 -6.16 1.63
N ILE A 110 -24.48 -6.55 2.37
CA ILE A 110 -23.24 -7.02 1.79
C ILE A 110 -23.38 -8.30 0.97
N GLN A 111 -24.19 -9.25 1.44
N GLN A 111 -24.24 -9.19 1.45
CA GLN A 111 -24.34 -10.50 0.72
CA GLN A 111 -24.46 -10.49 0.85
C GLN A 111 -25.17 -10.35 -0.56
C GLN A 111 -25.17 -10.35 -0.50
N ASN A 112 -26.20 -9.50 -0.51
CA ASN A 112 -26.98 -9.21 -1.72
C ASN A 112 -26.13 -8.47 -2.75
N TYR A 113 -25.35 -7.51 -2.27
CA TYR A 113 -24.38 -6.77 -3.07
C TYR A 113 -23.42 -7.69 -3.81
N ILE A 114 -22.74 -8.56 -3.08
CA ILE A 114 -21.76 -9.46 -3.68
C ILE A 114 -22.42 -10.46 -4.63
N HIS A 115 -23.61 -10.91 -4.28
CA HIS A 115 -24.22 -12.02 -5.01
C HIS A 115 -25.17 -11.68 -6.16
N ASN A 116 -25.90 -10.58 -6.05
CA ASN A 116 -26.84 -10.19 -7.12
C ASN A 116 -26.20 -9.53 -8.34
N GLU A 117 -26.40 -10.17 -9.48
CA GLU A 117 -26.04 -9.61 -10.77
C GLU A 117 -27.28 -8.96 -11.38
N TYR A 118 -27.08 -7.81 -12.00
CA TYR A 118 -28.12 -7.10 -12.72
C TYR A 118 -27.52 -6.51 -13.99
N THR A 119 -28.33 -6.44 -15.04
CA THR A 119 -27.92 -5.81 -16.29
C THR A 119 -28.15 -4.30 -16.19
N ILE A 120 -27.27 -3.51 -16.76
CA ILE A 120 -27.46 -2.05 -16.80
C ILE A 120 -27.76 -1.52 -18.21
N ILE A 121 -27.14 -2.13 -19.22
CA ILE A 121 -27.35 -1.75 -20.61
C ILE A 121 -27.37 -3.00 -21.47
N ASN A 122 -28.30 -3.03 -22.42
CA ASN A 122 -28.52 -4.22 -23.21
C ASN A 122 -28.68 -3.92 -24.69
N CYS A 123 -28.08 -4.72 -25.56
CA CYS A 123 -28.34 -4.64 -27.00
C CYS A 123 -28.54 -6.00 -27.62
N MET A 124 -29.76 -6.53 -27.51
CA MET A 124 -30.06 -7.90 -27.90
C MET A 124 -31.15 -8.03 -28.95
N LYS A 125 -30.95 -8.94 -29.90
CA LYS A 125 -31.96 -9.29 -30.89
C LYS A 125 -31.94 -10.79 -31.17
N ASN A 126 -33.11 -11.43 -31.08
CA ASN A 126 -33.19 -12.88 -31.22
C ASN A 126 -32.24 -13.62 -30.29
N ASN A 127 -32.13 -13.13 -29.05
CA ASN A 127 -31.29 -13.74 -28.02
C ASN A 127 -29.79 -13.67 -28.30
N SER A 128 -29.40 -12.68 -29.09
CA SER A 128 -28.01 -12.48 -29.46
C SER A 128 -27.64 -11.01 -29.39
N GLY A 129 -26.41 -10.73 -29.00
CA GLY A 129 -25.90 -9.38 -28.95
C GLY A 129 -24.95 -9.19 -27.80
N TRP A 130 -24.96 -8.01 -27.21
CA TRP A 130 -24.11 -7.75 -26.07
C TRP A 130 -24.88 -7.18 -24.89
N LYS A 131 -24.27 -7.30 -23.71
CA LYS A 131 -24.82 -6.67 -22.52
C LYS A 131 -23.74 -6.20 -21.54
N ILE A 132 -24.08 -5.20 -20.73
CA ILE A 132 -23.19 -4.75 -19.66
C ILE A 132 -23.86 -4.98 -18.32
N SER A 133 -23.17 -5.68 -17.43
CA SER A 133 -23.76 -6.11 -16.16
C SER A 133 -22.91 -5.69 -14.98
N ILE A 134 -23.53 -5.62 -13.81
CA ILE A 134 -22.83 -5.31 -12.57
C ILE A 134 -23.22 -6.37 -11.55
N ARG A 135 -22.22 -6.81 -10.79
CA ARG A 135 -22.37 -7.76 -9.70
C ARG A 135 -21.50 -7.24 -8.57
N GLY A 136 -22.12 -6.49 -7.66
CA GLY A 136 -21.41 -5.83 -6.58
C GLY A 136 -20.34 -4.88 -7.07
N ASN A 137 -19.10 -5.24 -6.78
CA ASN A 137 -17.92 -4.48 -7.18
C ASN A 137 -17.33 -4.91 -8.52
N ARG A 138 -18.14 -5.53 -9.37
CA ARG A 138 -17.66 -6.04 -10.63
C ARG A 138 -18.47 -5.49 -11.79
N ILE A 139 -17.80 -5.09 -12.86
CA ILE A 139 -18.54 -4.68 -14.05
C ILE A 139 -18.19 -5.59 -15.23
N ILE A 140 -19.23 -6.14 -15.88
CA ILE A 140 -19.06 -7.26 -16.78
C ILE A 140 -19.52 -7.01 -18.21
N TRP A 141 -18.73 -7.45 -19.19
CA TRP A 141 -19.09 -7.38 -20.61
C TRP A 141 -19.40 -8.78 -21.11
N THR A 142 -20.57 -8.97 -21.73
CA THR A 142 -20.96 -10.29 -22.22
C THR A 142 -21.34 -10.32 -23.69
N LEU A 143 -20.73 -11.22 -24.46
CA LEU A 143 -21.13 -11.48 -25.85
C LEU A 143 -21.89 -12.80 -26.04
N ILE A 144 -22.94 -12.78 -26.83
CA ILE A 144 -23.68 -14.00 -27.15
C ILE A 144 -23.89 -14.16 -28.64
N ASP A 145 -23.33 -15.22 -29.23
CA ASP A 145 -23.53 -15.44 -30.66
C ASP A 145 -24.86 -16.15 -30.96
N ILE A 146 -25.27 -16.20 -32.22
CA ILE A 146 -26.61 -16.71 -32.56
C ILE A 146 -26.75 -18.17 -32.21
N ASN A 147 -25.62 -18.85 -32.12
CA ASN A 147 -25.58 -20.26 -31.79
C ASN A 147 -25.82 -20.49 -30.31
N GLY A 148 -25.75 -19.41 -29.53
CA GLY A 148 -26.00 -19.44 -28.11
C GLY A 148 -24.73 -19.54 -27.28
N LYS A 149 -23.58 -19.48 -27.96
CA LYS A 149 -22.30 -19.52 -27.26
C LYS A 149 -22.04 -18.22 -26.53
N THR A 150 -21.51 -18.30 -25.32
CA THR A 150 -21.37 -17.10 -24.51
C THR A 150 -19.95 -16.96 -23.93
N LYS A 151 -19.45 -15.74 -23.89
CA LYS A 151 -18.14 -15.43 -23.29
C LYS A 151 -18.23 -14.09 -22.58
N SER A 152 -17.58 -14.00 -21.42
CA SER A 152 -17.55 -12.76 -20.63
C SER A 152 -16.13 -12.30 -20.32
N VAL A 153 -16.03 -11.02 -19.98
CA VAL A 153 -14.80 -10.45 -19.43
C VAL A 153 -15.24 -9.37 -18.43
N PHE A 154 -14.57 -9.27 -17.29
CA PHE A 154 -14.99 -8.26 -16.32
C PHE A 154 -13.84 -7.45 -15.71
N PHE A 155 -14.23 -6.36 -15.06
CA PHE A 155 -13.34 -5.61 -14.21
C PHE A 155 -13.86 -5.60 -12.80
N GLU A 156 -12.96 -5.89 -11.86
CA GLU A 156 -13.34 -5.94 -10.46
C GLU A 156 -12.42 -5.03 -9.64
N TYR A 157 -12.99 -4.32 -8.69
CA TYR A 157 -12.19 -3.54 -7.74
C TYR A 157 -12.35 -4.04 -6.31
N ASN A 158 -11.27 -3.90 -5.56
CA ASN A 158 -11.17 -4.26 -4.16
C ASN A 158 -12.27 -3.63 -3.32
N ILE A 159 -12.84 -4.39 -2.40
CA ILE A 159 -13.76 -3.77 -1.42
C ILE A 159 -13.23 -3.78 0.01
N ARG A 160 -11.90 -3.78 0.14
CA ARG A 160 -11.24 -3.80 1.44
C ARG A 160 -10.30 -2.61 1.64
N GLU A 161 -10.20 -1.75 0.63
CA GLU A 161 -9.26 -0.64 0.68
C GLU A 161 -9.68 0.40 1.70
N ASP A 162 -8.68 0.97 2.37
CA ASP A 162 -8.92 2.08 3.30
C ASP A 162 -9.58 3.20 2.51
N ILE A 163 -8.95 3.56 1.40
CA ILE A 163 -9.48 4.50 0.44
C ILE A 163 -9.46 3.89 -0.96
N SER A 164 -10.64 3.71 -1.53
CA SER A 164 -10.76 3.19 -2.89
C SER A 164 -10.89 4.33 -3.89
N GLU A 165 -10.24 4.18 -5.04
CA GLU A 165 -10.36 5.19 -6.07
C GLU A 165 -11.57 4.91 -6.95
N TYR A 166 -12.22 3.76 -6.74
CA TYR A 166 -13.32 3.30 -7.60
C TYR A 166 -14.70 3.37 -6.95
N ILE A 167 -14.79 3.01 -5.67
CA ILE A 167 -16.08 3.02 -5.01
C ILE A 167 -16.68 4.44 -4.99
N ASN A 168 -17.85 4.56 -5.60
CA ASN A 168 -18.66 5.79 -5.67
C ASN A 168 -18.04 6.98 -6.37
N ARG A 169 -16.95 6.77 -7.10
CA ARG A 169 -16.23 7.85 -7.79
C ARG A 169 -16.24 7.64 -9.29
N TRP A 170 -16.49 8.71 -10.04
CA TRP A 170 -16.50 8.66 -11.49
C TRP A 170 -15.23 8.07 -12.03
N PHE A 171 -15.36 7.01 -12.81
CA PHE A 171 -14.22 6.50 -13.55
C PHE A 171 -14.60 6.10 -14.98
N PHE A 172 -13.60 5.99 -15.84
CA PHE A 172 -13.79 5.82 -17.27
C PHE A 172 -13.63 4.36 -17.69
N VAL A 173 -14.65 3.83 -18.36
CA VAL A 173 -14.62 2.46 -18.87
C VAL A 173 -14.53 2.44 -20.39
N THR A 174 -13.76 1.51 -20.93
CA THR A 174 -13.77 1.25 -22.36
C THR A 174 -13.66 -0.23 -22.62
N ILE A 175 -14.60 -0.77 -23.38
CA ILE A 175 -14.57 -2.15 -23.81
C ILE A 175 -14.31 -2.19 -25.31
N THR A 176 -13.31 -2.96 -25.73
CA THR A 176 -13.01 -3.11 -27.14
C THR A 176 -13.09 -4.58 -27.56
N ASN A 177 -13.50 -4.82 -28.81
CA ASN A 177 -13.61 -6.16 -29.35
C ASN A 177 -12.98 -6.26 -30.73
N ASN A 178 -12.21 -7.34 -30.96
CA ASN A 178 -11.89 -7.75 -32.32
C ASN A 178 -12.33 -9.20 -32.47
N LEU A 179 -11.82 -9.89 -33.47
CA LEU A 179 -12.26 -11.26 -33.70
C LEU A 179 -11.75 -12.23 -32.63
N ASN A 180 -10.65 -11.87 -31.98
CA ASN A 180 -9.93 -12.76 -31.06
C ASN A 180 -10.07 -12.42 -29.58
N ASN A 181 -10.14 -11.13 -29.26
CA ASN A 181 -10.11 -10.68 -27.87
C ASN A 181 -11.16 -9.63 -27.49
N ALA A 182 -11.68 -9.77 -26.28
CA ALA A 182 -12.51 -8.75 -25.67
C ALA A 182 -11.72 -8.20 -24.49
N LYS A 183 -11.56 -6.88 -24.44
CA LYS A 183 -10.72 -6.21 -23.45
C LYS A 183 -11.48 -5.14 -22.68
N ILE A 184 -11.10 -4.92 -21.42
CA ILE A 184 -11.64 -3.80 -20.69
C ILE A 184 -10.53 -2.87 -20.23
N TYR A 185 -10.64 -1.61 -20.58
CA TYR A 185 -9.72 -0.59 -20.11
C TYR A 185 -10.37 0.27 -19.03
N ILE A 186 -9.62 0.61 -17.99
CA ILE A 186 -10.13 1.51 -16.96
C ILE A 186 -9.20 2.68 -16.86
N ASN A 187 -9.76 3.89 -16.98
CA ASN A 187 -8.99 5.12 -16.92
C ASN A 187 -7.80 5.06 -17.87
N GLY A 188 -8.04 4.57 -19.08
CA GLY A 188 -7.05 4.54 -20.14
C GLY A 188 -6.09 3.36 -20.14
N LYS A 189 -6.16 2.53 -19.10
CA LYS A 189 -5.23 1.42 -18.93
C LYS A 189 -5.92 0.05 -18.99
N LEU A 190 -5.24 -0.92 -19.60
CA LEU A 190 -5.77 -2.26 -19.76
C LEU A 190 -5.88 -3.03 -18.45
N GLU A 191 -7.04 -3.62 -18.22
CA GLU A 191 -7.33 -4.36 -16.99
C GLU A 191 -7.63 -5.83 -17.22
N SER A 192 -8.38 -6.15 -18.27
CA SER A 192 -8.80 -7.52 -18.49
C SER A 192 -8.85 -7.83 -19.98
N ASN A 193 -8.74 -9.12 -20.30
CA ASN A 193 -8.51 -9.58 -21.65
C ASN A 193 -9.06 -10.99 -21.76
N THR A 194 -10.11 -11.20 -22.54
CA THR A 194 -10.61 -12.57 -22.81
C THR A 194 -10.49 -12.94 -24.28
N ASP A 195 -10.04 -14.16 -24.53
CA ASP A 195 -10.08 -14.71 -25.86
C ASP A 195 -11.55 -14.95 -26.21
N ILE A 196 -12.00 -14.42 -27.35
CA ILE A 196 -13.39 -14.63 -27.78
C ILE A 196 -13.47 -15.29 -29.15
N LYS A 197 -12.49 -16.15 -29.43
CA LYS A 197 -12.46 -16.89 -30.69
C LYS A 197 -13.63 -17.85 -30.85
N ASP A 198 -14.11 -18.41 -29.74
CA ASP A 198 -15.21 -19.37 -29.81
C ASP A 198 -16.54 -18.71 -30.09
N ILE A 199 -16.51 -17.38 -30.18
CA ILE A 199 -17.74 -16.63 -30.43
C ILE A 199 -17.84 -16.49 -31.93
N ARG A 200 -19.02 -16.84 -32.45
CA ARG A 200 -19.28 -16.78 -33.87
C ARG A 200 -20.00 -15.47 -34.20
N GLU A 201 -21.09 -15.53 -34.96
CA GLU A 201 -21.83 -14.35 -35.38
C GLU A 201 -22.64 -13.77 -34.24
N VAL A 202 -22.44 -12.48 -33.97
CA VAL A 202 -23.22 -11.78 -32.95
C VAL A 202 -24.13 -10.78 -33.63
N ILE A 203 -25.43 -10.91 -33.43
CA ILE A 203 -26.39 -9.97 -34.04
C ILE A 203 -26.19 -8.55 -33.49
N ALA A 204 -26.10 -7.59 -34.41
CA ALA A 204 -25.63 -6.25 -34.11
C ALA A 204 -26.73 -5.19 -34.01
N ASN A 205 -27.89 -5.47 -34.60
CA ASN A 205 -28.84 -4.40 -34.90
C ASN A 205 -29.98 -4.16 -33.90
N GLY A 206 -29.86 -4.73 -32.70
CA GLY A 206 -30.90 -4.57 -31.69
C GLY A 206 -31.01 -3.17 -31.09
N GLU A 207 -32.13 -2.92 -30.43
CA GLU A 207 -32.28 -1.70 -29.66
C GLU A 207 -31.32 -1.80 -28.50
N ILE A 208 -30.73 -0.66 -28.13
CA ILE A 208 -29.92 -0.62 -26.95
C ILE A 208 -30.83 -0.16 -25.81
N ILE A 209 -30.89 -0.93 -24.72
CA ILE A 209 -31.76 -0.60 -23.59
C ILE A 209 -30.96 -0.28 -22.35
N PHE A 210 -31.12 0.94 -21.84
CA PHE A 210 -30.49 1.34 -20.60
C PHE A 210 -31.51 1.16 -19.49
N LYS A 211 -31.23 0.25 -18.56
CA LYS A 211 -32.16 -0.14 -17.49
C LYS A 211 -31.55 -1.16 -16.53
N LEU A 212 -31.65 -0.90 -15.23
CA LEU A 212 -31.26 -1.90 -14.25
C LEU A 212 -32.20 -3.10 -14.31
N ASP A 213 -31.65 -4.26 -14.64
CA ASP A 213 -32.44 -5.46 -14.89
C ASP A 213 -31.89 -6.64 -14.13
N GLY A 214 -32.69 -7.17 -13.21
CA GLY A 214 -32.24 -8.28 -12.39
C GLY A 214 -32.72 -8.14 -10.96
N ASP A 215 -32.15 -8.93 -10.06
CA ASP A 215 -32.55 -8.89 -8.66
C ASP A 215 -31.80 -7.77 -7.95
N ILE A 216 -32.48 -6.64 -7.76
CA ILE A 216 -31.88 -5.45 -7.18
C ILE A 216 -32.71 -4.84 -6.04
N ASP A 217 -32.04 -4.02 -5.23
CA ASP A 217 -32.70 -3.28 -4.16
C ASP A 217 -33.36 -2.01 -4.70
N ARG A 218 -34.36 -1.52 -3.99
CA ARG A 218 -35.07 -0.30 -4.37
C ARG A 218 -34.17 0.91 -4.34
N THR A 219 -33.09 0.81 -3.57
CA THR A 219 -32.14 1.91 -3.42
C THR A 219 -30.97 1.82 -4.38
N GLN A 220 -30.89 0.72 -5.11
CA GLN A 220 -29.83 0.54 -6.09
C GLN A 220 -30.00 1.52 -7.23
N PHE A 221 -28.92 2.19 -7.60
CA PHE A 221 -28.97 3.10 -8.74
C PHE A 221 -27.60 3.17 -9.39
N ILE A 222 -27.53 3.80 -10.55
CA ILE A 222 -26.29 3.89 -11.29
C ILE A 222 -26.21 5.25 -12.00
N TRP A 223 -25.08 5.93 -11.89
CA TRP A 223 -24.85 7.14 -12.68
C TRP A 223 -23.97 6.83 -13.88
N MET A 224 -24.30 7.42 -15.02
CA MET A 224 -23.46 7.24 -16.21
C MET A 224 -23.32 8.54 -16.99
N LYS A 225 -22.29 8.60 -17.84
CA LYS A 225 -22.13 9.75 -18.71
C LYS A 225 -21.23 9.46 -19.89
N TYR A 226 -21.43 10.23 -20.96
CA TYR A 226 -20.66 10.11 -22.19
C TYR A 226 -20.61 8.72 -22.79
N PHE A 227 -21.75 8.06 -22.85
CA PHE A 227 -21.87 6.76 -23.50
C PHE A 227 -21.67 6.90 -24.99
N SER A 228 -20.75 6.09 -25.53
CA SER A 228 -20.41 6.16 -26.95
C SER A 228 -20.12 4.79 -27.47
N ILE A 229 -20.50 4.53 -28.71
CA ILE A 229 -20.16 3.29 -29.39
C ILE A 229 -19.38 3.59 -30.66
N PHE A 230 -18.31 2.84 -30.89
CA PHE A 230 -17.48 3.00 -32.08
C PHE A 230 -17.50 1.76 -32.93
N ASN A 231 -17.40 1.90 -34.24
CA ASN A 231 -17.39 0.74 -35.13
C ASN A 231 -15.99 0.22 -35.38
N THR A 232 -15.09 0.49 -34.45
CA THR A 232 -13.73 0.03 -34.59
C THR A 232 -13.22 -0.46 -33.25
N GLU A 233 -12.19 -1.28 -33.30
CA GLU A 233 -11.46 -1.61 -32.10
C GLU A 233 -10.55 -0.43 -31.81
N LEU A 234 -10.81 0.26 -30.69
CA LEU A 234 -9.97 1.38 -30.29
C LEU A 234 -8.68 0.85 -29.69
N SER A 235 -7.57 1.56 -29.96
CA SER A 235 -6.28 1.18 -29.38
C SER A 235 -6.13 1.78 -28.00
N GLN A 236 -5.20 1.25 -27.20
N GLN A 236 -5.22 1.24 -27.19
CA GLN A 236 -4.93 1.78 -25.88
CA GLN A 236 -4.96 1.78 -25.86
C GLN A 236 -4.53 3.24 -25.96
C GLN A 236 -4.50 3.22 -25.94
N SER A 237 -3.68 3.52 -26.95
CA SER A 237 -3.17 4.86 -27.14
C SER A 237 -4.31 5.83 -27.37
N ASN A 238 -5.26 5.42 -28.20
CA ASN A 238 -6.40 6.27 -28.54
C ASN A 238 -7.39 6.36 -27.40
N ILE A 239 -7.46 5.32 -26.59
CA ILE A 239 -8.36 5.30 -25.45
C ILE A 239 -7.80 6.18 -24.33
N GLU A 240 -6.50 6.05 -24.10
CA GLU A 240 -5.82 6.86 -23.09
C GLU A 240 -5.96 8.34 -23.43
N GLU A 241 -6.01 8.67 -24.71
CA GLU A 241 -6.23 10.05 -25.09
C GLU A 241 -7.66 10.53 -24.82
N ARG A 242 -8.64 9.70 -25.16
CA ARG A 242 -10.06 10.01 -24.92
C ARG A 242 -10.32 10.21 -23.42
N TYR A 243 -9.62 9.43 -22.61
CA TYR A 243 -9.67 9.55 -21.18
C TYR A 243 -9.16 10.93 -20.73
N LYS A 244 -8.08 11.41 -21.33
CA LYS A 244 -7.51 12.71 -20.99
C LYS A 244 -8.40 13.87 -21.45
N ILE A 245 -8.88 13.75 -22.69
CA ILE A 245 -9.75 14.76 -23.26
C ILE A 245 -11.06 14.90 -22.50
N GLN A 246 -11.69 13.76 -22.20
CA GLN A 246 -12.96 13.72 -21.48
C GLN A 246 -12.79 13.97 -19.99
N SER A 247 -11.55 13.95 -19.52
CA SER A 247 -11.23 14.29 -18.13
C SER A 247 -11.06 15.79 -17.98
N TYR A 248 -10.53 16.43 -19.02
CA TYR A 248 -10.22 17.86 -18.96
C TYR A 248 -11.45 18.75 -18.71
N SER A 249 -11.28 19.72 -17.82
CA SER A 249 -12.24 20.83 -17.62
C SER A 249 -11.51 22.06 -17.11
N GLU A 250 -12.10 23.26 -17.26
CA GLU A 250 -11.50 24.46 -16.66
C GLU A 250 -11.75 24.50 -15.15
N TYR A 251 -12.80 23.80 -14.70
CA TYR A 251 -13.17 23.76 -13.30
C TYR A 251 -12.55 22.59 -12.54
N LEU A 252 -12.55 22.66 -11.21
CA LEU A 252 -12.09 21.54 -10.42
C LEU A 252 -13.18 20.55 -10.07
N LYS A 253 -12.76 19.44 -9.47
CA LYS A 253 -13.70 18.37 -9.14
C LYS A 253 -13.66 18.02 -7.68
N ASP A 254 -14.68 17.34 -7.22
CA ASP A 254 -14.68 16.88 -5.85
C ASP A 254 -14.14 15.44 -5.80
N PHE A 255 -14.15 14.87 -4.61
CA PHE A 255 -13.64 13.53 -4.36
C PHE A 255 -14.27 12.52 -5.28
N TRP A 256 -15.54 12.72 -5.59
CA TRP A 256 -16.32 11.76 -6.37
C TRP A 256 -16.13 11.97 -7.86
N GLY A 257 -15.50 13.08 -8.22
CA GLY A 257 -15.29 13.42 -9.61
C GLY A 257 -16.33 14.39 -10.14
N ASN A 258 -17.16 14.90 -9.25
CA ASN A 258 -18.20 15.85 -9.64
C ASN A 258 -17.61 17.24 -9.57
N PRO A 259 -18.28 18.25 -10.16
CA PRO A 259 -17.78 19.62 -10.03
C PRO A 259 -17.64 20.08 -8.59
N LEU A 260 -16.54 20.78 -8.31
CA LEU A 260 -16.30 21.39 -7.02
C LEU A 260 -16.99 22.74 -7.06
N MET A 261 -17.69 23.09 -5.99
CA MET A 261 -18.58 24.24 -5.96
C MET A 261 -18.22 25.23 -4.88
N TYR A 262 -18.64 26.47 -5.07
CA TYR A 262 -18.58 27.43 -4.00
C TYR A 262 -19.79 27.20 -3.11
N ASN A 263 -19.71 27.66 -1.87
CA ASN A 263 -20.89 27.70 -0.99
C ASN A 263 -21.47 26.32 -0.66
N LYS A 264 -20.60 25.32 -0.62
CA LYS A 264 -20.98 23.93 -0.36
C LYS A 264 -20.10 23.34 0.74
N GLU A 265 -20.72 22.66 1.69
CA GLU A 265 -19.99 22.04 2.80
C GLU A 265 -19.11 20.90 2.30
N TYR A 266 -17.85 20.85 2.73
CA TYR A 266 -16.95 19.80 2.29
C TYR A 266 -16.09 19.27 3.42
N TYR A 267 -15.90 17.95 3.44
CA TYR A 267 -14.82 17.33 4.22
C TYR A 267 -13.55 17.33 3.38
N MET A 268 -12.40 17.33 4.05
CA MET A 268 -11.12 17.42 3.37
C MET A 268 -10.31 16.14 3.47
N PHE A 269 -9.75 15.72 2.34
CA PHE A 269 -9.01 14.49 2.18
C PHE A 269 -7.60 14.87 1.70
N ASN A 270 -6.58 14.23 2.24
CA ASN A 270 -5.22 14.47 1.79
C ASN A 270 -4.76 13.27 0.95
N ALA A 271 -4.54 13.50 -0.34
CA ALA A 271 -4.14 12.42 -1.24
C ALA A 271 -2.73 11.95 -0.97
N GLY A 272 -1.99 12.72 -0.18
CA GLY A 272 -0.66 12.38 0.28
C GLY A 272 -0.68 11.71 1.64
N ASN A 273 -1.78 11.91 2.37
CA ASN A 273 -1.98 11.31 3.69
C ASN A 273 -3.34 10.66 3.81
N LYS A 274 -3.61 9.69 2.94
CA LYS A 274 -4.96 9.16 2.72
C LYS A 274 -5.73 8.85 4.00
N ASN A 275 -5.03 8.36 5.01
CA ASN A 275 -5.71 7.97 6.26
C ASN A 275 -5.79 9.04 7.35
N SER A 276 -5.38 10.26 7.02
CA SER A 276 -5.44 11.39 7.96
C SER A 276 -6.61 12.36 7.71
N TYR A 277 -7.08 12.99 8.79
CA TYR A 277 -8.06 14.09 8.67
C TYR A 277 -7.75 15.25 9.63
N ILE A 278 -8.39 16.39 9.39
CA ILE A 278 -8.13 17.63 10.16
C ILE A 278 -9.15 17.87 11.25
N LYS A 279 -8.68 18.06 12.47
CA LYS A 279 -9.59 18.50 13.52
C LYS A 279 -9.06 19.75 14.20
N LEU A 280 -9.94 20.71 14.47
CA LEU A 280 -9.58 21.88 15.25
C LEU A 280 -9.16 21.35 16.60
N LYS A 281 -7.96 21.73 17.01
CA LYS A 281 -7.42 21.30 18.30
C LYS A 281 -8.27 21.91 19.42
N LYS A 282 -8.51 21.16 20.51
CA LYS A 282 -9.38 21.63 21.60
C LYS A 282 -8.95 22.97 22.18
N ASP A 283 -9.85 23.95 22.13
CA ASP A 283 -9.60 25.27 22.69
C ASP A 283 -8.35 25.93 22.12
N SER A 284 -7.99 25.53 20.90
CA SER A 284 -6.80 26.03 20.22
C SER A 284 -7.15 26.35 18.78
N PRO A 285 -6.58 27.44 18.22
CA PRO A 285 -6.91 27.85 16.86
C PRO A 285 -5.99 27.21 15.82
N VAL A 286 -5.69 25.93 15.97
CA VAL A 286 -4.87 25.23 14.98
C VAL A 286 -5.49 23.90 14.58
N GLY A 287 -5.12 23.41 13.40
CA GLY A 287 -5.61 22.13 12.92
C GLY A 287 -4.66 20.95 13.17
N GLU A 288 -5.07 20.06 14.08
CA GLU A 288 -4.35 18.81 14.34
C GLU A 288 -4.80 17.75 13.33
N ILE A 289 -3.89 16.83 13.01
CA ILE A 289 -4.16 15.78 12.03
C ILE A 289 -4.34 14.42 12.74
N LEU A 290 -5.48 13.77 12.51
CA LEU A 290 -5.83 12.53 13.20
C LEU A 290 -6.03 11.38 12.22
N THR A 291 -6.04 10.16 12.73
CA THR A 291 -6.24 8.98 11.89
C THR A 291 -7.69 8.65 11.73
N ARG A 292 -8.10 8.42 10.49
CA ARG A 292 -9.48 8.07 10.16
C ARG A 292 -9.90 6.80 10.88
N SER A 293 -11.14 6.80 11.35
CA SER A 293 -11.71 5.62 11.92
C SER A 293 -12.09 4.69 10.78
N LYS A 294 -12.14 3.39 11.05
CA LYS A 294 -12.34 2.42 9.97
C LYS A 294 -13.64 1.69 10.19
N TYR A 295 -14.06 0.94 9.16
CA TYR A 295 -15.16 -0.01 9.31
C TYR A 295 -14.85 -0.91 10.51
N ASN A 296 -15.71 -0.87 11.52
CA ASN A 296 -15.47 -1.66 12.73
C ASN A 296 -16.50 -2.71 13.04
N GLN A 297 -17.40 -2.98 12.10
CA GLN A 297 -18.33 -4.07 12.29
C GLN A 297 -17.55 -5.36 11.96
N ASN A 298 -18.23 -6.49 11.93
CA ASN A 298 -17.53 -7.78 11.96
C ASN A 298 -17.39 -8.53 10.63
N SER A 299 -18.02 -8.02 9.57
CA SER A 299 -17.96 -8.65 8.26
C SER A 299 -16.53 -8.72 7.72
N LYS A 300 -16.18 -9.87 7.15
CA LYS A 300 -14.85 -10.12 6.61
C LYS A 300 -14.81 -10.06 5.07
N TYR A 301 -15.72 -9.30 4.48
CA TYR A 301 -15.70 -9.07 3.04
C TYR A 301 -15.32 -7.62 2.70
N ILE A 302 -15.54 -6.72 3.65
CA ILE A 302 -15.35 -5.30 3.41
C ILE A 302 -14.47 -4.60 4.46
N ASN A 303 -13.76 -3.58 4.01
CA ASN A 303 -13.04 -2.66 4.88
C ASN A 303 -12.99 -1.30 4.22
N TYR A 304 -13.09 -0.25 5.02
CA TYR A 304 -12.90 1.10 4.52
C TYR A 304 -12.57 2.06 5.66
N ARG A 305 -12.10 3.25 5.30
CA ARG A 305 -11.96 4.33 6.25
C ARG A 305 -13.14 5.27 6.13
N ASP A 306 -13.55 5.81 7.27
CA ASP A 306 -14.62 6.79 7.32
C ASP A 306 -14.20 8.04 6.55
N LEU A 307 -15.16 8.60 5.81
CA LEU A 307 -14.89 9.77 4.98
C LEU A 307 -15.56 11.01 5.54
N TYR A 308 -16.63 10.80 6.29
CA TYR A 308 -17.44 11.91 6.77
C TYR A 308 -17.02 12.36 8.15
N ILE A 309 -15.73 12.66 8.30
CA ILE A 309 -15.20 13.06 9.59
C ILE A 309 -14.21 14.24 9.47
N GLY A 310 -14.01 14.95 10.57
CA GLY A 310 -13.16 16.12 10.58
C GLY A 310 -13.97 17.39 10.44
N GLU A 311 -13.28 18.53 10.34
CA GLU A 311 -13.96 19.81 10.18
C GLU A 311 -14.71 19.82 8.86
N LYS A 312 -15.79 20.60 8.81
CA LYS A 312 -16.59 20.78 7.62
C LYS A 312 -16.22 22.14 7.03
N PHE A 313 -15.63 22.14 5.83
CA PHE A 313 -15.15 23.36 5.20
C PHE A 313 -16.12 23.95 4.17
N ILE A 314 -15.83 25.16 3.71
CA ILE A 314 -16.65 25.80 2.66
C ILE A 314 -15.80 26.77 1.83
N ILE A 315 -15.97 26.74 0.51
CA ILE A 315 -15.17 27.58 -0.36
C ILE A 315 -15.99 28.80 -0.74
N ARG A 316 -15.38 29.96 -0.58
CA ARG A 316 -16.00 31.25 -0.86
C ARG A 316 -15.18 31.92 -1.93
N ARG A 317 -15.83 32.65 -2.83
CA ARG A 317 -15.08 33.44 -3.80
C ARG A 317 -14.41 34.63 -3.13
N LYS A 318 -13.34 35.09 -3.73
CA LYS A 318 -12.79 36.36 -3.31
C LYS A 318 -13.11 37.32 -4.44
N SER A 319 -14.00 38.26 -4.13
CA SER A 319 -14.43 39.27 -5.08
C SER A 319 -14.39 40.66 -4.42
N ASP A 327 -21.68 28.91 -7.38
CA ASP A 327 -21.28 28.49 -8.71
C ASP A 327 -20.02 27.62 -8.64
N ILE A 328 -19.34 27.42 -9.76
CA ILE A 328 -18.26 26.44 -9.84
C ILE A 328 -16.88 27.02 -9.57
N VAL A 329 -16.06 26.26 -8.85
CA VAL A 329 -14.68 26.66 -8.55
C VAL A 329 -13.74 26.29 -9.69
N ARG A 330 -13.08 27.28 -10.26
CA ARG A 330 -12.19 27.04 -11.40
C ARG A 330 -10.74 27.25 -11.00
N LYS A 331 -9.85 26.57 -11.71
CA LYS A 331 -8.44 26.67 -11.45
C LYS A 331 -8.02 28.13 -11.49
N GLU A 332 -7.08 28.51 -10.62
CA GLU A 332 -6.56 29.88 -10.52
C GLU A 332 -7.50 30.88 -9.85
N ASP A 333 -8.70 30.44 -9.47
CA ASP A 333 -9.65 31.32 -8.76
C ASP A 333 -9.05 31.72 -7.44
N TYR A 334 -9.48 32.86 -6.94
CA TYR A 334 -9.12 33.29 -5.60
C TYR A 334 -10.27 32.99 -4.68
N ILE A 335 -9.95 32.36 -3.55
CA ILE A 335 -10.97 31.82 -2.68
C ILE A 335 -10.68 32.13 -1.22
N TYR A 336 -11.67 31.87 -0.36
CA TYR A 336 -11.45 31.76 1.07
C TYR A 336 -11.76 30.35 1.48
N LEU A 337 -10.87 29.75 2.27
CA LEU A 337 -11.14 28.44 2.83
C LEU A 337 -11.69 28.65 4.22
N ASP A 338 -12.98 28.40 4.39
CA ASP A 338 -13.58 28.67 5.69
C ASP A 338 -14.01 27.34 6.29
N PHE A 339 -14.55 27.36 7.50
CA PHE A 339 -15.10 26.15 8.06
C PHE A 339 -16.09 26.52 9.17
N PHE A 340 -16.89 25.55 9.59
CA PHE A 340 -17.88 25.84 10.61
C PHE A 340 -17.41 25.38 11.96
N ASN A 341 -17.49 26.31 12.91
CA ASN A 341 -17.16 26.08 14.30
C ASN A 341 -18.05 26.96 15.14
N LEU A 342 -18.66 26.39 16.18
CA LEU A 342 -19.54 27.13 17.11
C LEU A 342 -20.62 27.96 16.40
N ASN A 343 -21.33 27.29 15.49
CA ASN A 343 -22.45 27.87 14.75
C ASN A 343 -22.06 29.16 14.05
N GLN A 344 -20.80 29.21 13.61
CA GLN A 344 -20.22 30.39 13.00
C GLN A 344 -19.20 30.01 11.93
N GLU A 345 -19.08 30.85 10.92
CA GLU A 345 -18.11 30.59 9.88
C GLU A 345 -16.78 31.19 10.29
N TRP A 346 -15.79 30.32 10.50
CA TRP A 346 -14.42 30.74 10.81
C TRP A 346 -13.59 30.65 9.54
N ARG A 347 -12.32 31.08 9.60
CA ARG A 347 -11.49 31.17 8.41
C ARG A 347 -10.10 30.56 8.62
N VAL A 348 -9.47 30.13 7.55
CA VAL A 348 -8.13 29.54 7.59
C VAL A 348 -7.08 30.55 7.13
N TYR A 349 -6.13 30.88 7.99
CA TYR A 349 -5.16 31.93 7.68
C TYR A 349 -3.75 31.40 7.74
N THR A 350 -2.83 32.15 7.13
CA THR A 350 -1.39 32.00 7.43
C THR A 350 -0.79 33.27 8.06
N TYR A 351 0.02 33.08 9.11
CA TYR A 351 0.84 34.16 9.67
C TYR A 351 1.71 34.77 8.56
N LYS A 352 1.68 36.09 8.42
CA LYS A 352 2.39 36.75 7.31
C LYS A 352 3.90 36.56 7.39
N TYR A 353 4.41 36.52 8.62
CA TYR A 353 5.82 36.58 8.87
C TYR A 353 6.31 35.30 9.55
N PHE A 354 5.96 34.13 9.02
CA PHE A 354 6.49 32.89 9.61
C PHE A 354 7.93 32.63 9.18
N LYS A 355 8.73 32.09 10.09
CA LYS A 355 10.17 32.08 9.89
C LYS A 355 10.64 30.80 9.19
N LYS A 356 10.20 29.66 9.74
CA LYS A 356 10.65 28.37 9.26
C LYS A 356 10.10 28.06 7.87
N GLU A 357 10.43 26.87 7.36
CA GLU A 357 9.99 26.42 6.05
C GLU A 357 8.51 26.00 6.08
N GLU A 358 8.03 25.65 7.26
CA GLU A 358 6.61 25.45 7.42
C GLU A 358 6.09 26.04 8.74
N GLU A 359 4.76 26.15 8.87
CA GLU A 359 4.18 26.70 10.09
C GLU A 359 2.73 26.25 10.20
N LYS A 360 2.23 26.18 11.43
CA LYS A 360 0.83 25.91 11.65
C LYS A 360 -0.04 27.04 11.10
N LEU A 361 -1.13 26.68 10.43
CA LEU A 361 -2.10 27.64 9.91
C LEU A 361 -2.98 28.11 11.06
N PHE A 362 -3.54 29.31 10.93
CA PHE A 362 -4.34 29.92 11.98
C PHE A 362 -5.81 29.76 11.64
N LEU A 363 -6.54 29.04 12.48
CA LEU A 363 -7.96 28.79 12.23
C LEU A 363 -8.75 29.56 13.26
N ALA A 364 -9.49 30.56 12.80
CA ALA A 364 -9.98 31.61 13.66
C ALA A 364 -11.20 32.33 13.07
N PRO A 365 -11.90 33.15 13.87
CA PRO A 365 -13.03 33.89 13.33
C PRO A 365 -12.67 34.72 12.12
N ILE A 366 -13.69 35.05 11.33
CA ILE A 366 -13.47 35.96 10.23
C ILE A 366 -13.13 37.30 10.85
N SER A 367 -12.06 37.90 10.36
CA SER A 367 -11.49 39.07 10.98
C SER A 367 -10.53 39.80 10.06
N ASP A 368 -10.54 41.13 10.13
CA ASP A 368 -9.49 41.92 9.49
C ASP A 368 -8.29 41.86 10.44
N SER A 369 -7.11 41.58 9.90
CA SER A 369 -5.91 41.54 10.72
C SER A 369 -4.73 41.67 9.80
N ASP A 370 -3.80 42.54 10.14
CA ASP A 370 -2.64 42.72 9.32
C ASP A 370 -1.55 41.71 9.62
N GLU A 371 -1.81 40.77 10.53
CA GLU A 371 -0.80 39.77 10.89
C GLU A 371 -1.00 38.47 10.13
N PHE A 372 -2.06 38.40 9.33
CA PHE A 372 -2.39 37.17 8.64
C PHE A 372 -2.82 37.37 7.20
N TYR A 373 -2.56 36.36 6.37
CA TYR A 373 -3.08 36.30 4.99
C TYR A 373 -4.32 35.44 4.91
N ASN A 374 -5.33 35.88 4.15
CA ASN A 374 -6.53 35.07 3.96
C ASN A 374 -6.79 34.62 2.53
N THR A 375 -6.04 35.20 1.60
CA THR A 375 -6.23 34.96 0.17
C THR A 375 -5.55 33.68 -0.24
N ILE A 376 -6.32 32.77 -0.81
CA ILE A 376 -5.77 31.53 -1.34
C ILE A 376 -6.10 31.48 -2.81
N GLN A 377 -5.15 31.05 -3.61
CA GLN A 377 -5.45 30.70 -4.98
C GLN A 377 -5.42 29.19 -5.18
N ILE A 378 -6.52 28.65 -5.70
CA ILE A 378 -6.65 27.20 -5.89
C ILE A 378 -6.05 26.68 -7.21
N LYS A 379 -5.26 25.60 -7.12
CA LYS A 379 -4.41 25.15 -8.23
C LYS A 379 -4.66 23.69 -8.59
N GLU A 380 -4.16 23.31 -9.76
CA GLU A 380 -4.02 21.92 -10.17
C GLU A 380 -2.68 21.79 -10.87
N TYR A 381 -1.64 21.46 -10.11
CA TYR A 381 -0.29 21.36 -10.66
C TYR A 381 -0.05 20.10 -11.52
N ASP A 382 -0.85 19.08 -11.31
CA ASP A 382 -0.73 17.84 -12.06
C ASP A 382 -1.14 18.04 -13.51
N GLU A 383 -0.38 17.46 -14.44
CA GLU A 383 -0.71 17.57 -15.84
C GLU A 383 -1.63 16.41 -16.28
N GLN A 384 -1.49 15.29 -15.59
CA GLN A 384 -2.34 14.12 -15.81
C GLN A 384 -3.72 14.28 -15.15
N PRO A 385 -4.71 13.45 -15.54
CA PRO A 385 -6.05 13.55 -14.91
C PRO A 385 -6.05 13.28 -13.39
N THR A 386 -6.75 14.14 -12.65
CA THR A 386 -6.79 14.06 -11.19
C THR A 386 -8.00 14.73 -10.59
N TYR A 387 -8.30 14.36 -9.35
CA TYR A 387 -9.32 15.05 -8.56
C TYR A 387 -8.63 15.83 -7.43
N SER A 388 -7.30 15.82 -7.43
CA SER A 388 -6.55 16.59 -6.44
C SER A 388 -6.32 18.04 -6.87
N CYS A 389 -6.30 18.91 -5.88
CA CYS A 389 -6.01 20.31 -6.09
C CYS A 389 -5.07 20.78 -4.98
N GLN A 390 -4.44 21.93 -5.20
CA GLN A 390 -3.51 22.48 -4.23
C GLN A 390 -3.94 23.90 -3.88
N LEU A 391 -3.54 24.37 -2.71
CA LEU A 391 -4.01 25.64 -2.21
C LEU A 391 -2.82 26.55 -1.91
N LEU A 392 -2.66 27.58 -2.73
CA LEU A 392 -1.55 28.52 -2.64
C LEU A 392 -1.92 29.85 -1.97
N PHE A 393 -1.24 30.17 -0.87
CA PHE A 393 -1.44 31.47 -0.21
C PHE A 393 -0.69 32.61 -0.92
N LYS A 394 -1.36 33.75 -1.11
CA LYS A 394 -0.75 34.94 -1.68
C LYS A 394 -1.10 36.19 -0.88
N LYS A 395 -0.41 37.30 -1.16
CA LYS A 395 -0.71 38.55 -0.48
C LYS A 395 -2.08 39.09 -0.91
N ASP A 396 -2.38 38.99 -2.19
CA ASP A 396 -3.66 39.41 -2.73
C ASP A 396 -3.95 38.85 -4.12
N GLU A 397 -4.97 39.39 -4.77
CA GLU A 397 -5.37 38.98 -6.11
C GLU A 397 -4.50 39.58 -7.22
N GLU A 398 -3.45 40.29 -6.85
CA GLU A 398 -2.58 40.93 -7.82
C GLU A 398 -1.12 40.52 -7.70
N SER A 399 -0.70 40.19 -6.49
CA SER A 399 0.72 39.94 -6.24
C SER A 399 1.22 38.66 -6.89
N THR A 400 2.53 38.64 -7.12
CA THR A 400 3.20 37.53 -7.80
C THR A 400 3.98 36.67 -6.82
N ASP A 401 4.15 37.18 -5.59
CA ASP A 401 4.84 36.43 -4.54
C ASP A 401 3.99 35.26 -4.06
N GLU A 402 4.65 34.15 -3.73
CA GLU A 402 3.97 32.95 -3.26
C GLU A 402 4.40 32.63 -1.85
N ILE A 403 3.43 32.50 -0.96
CA ILE A 403 3.74 32.38 0.45
C ILE A 403 4.03 30.94 0.83
N GLY A 404 3.25 30.02 0.28
CA GLY A 404 3.42 28.62 0.61
C GLY A 404 2.21 27.85 0.16
N LEU A 405 2.28 26.54 0.24
CA LEU A 405 1.14 25.70 -0.10
C LEU A 405 0.60 25.10 1.17
N ILE A 406 -0.73 25.01 1.28
CA ILE A 406 -1.36 24.34 2.40
C ILE A 406 -1.03 22.85 2.33
N GLY A 407 -0.63 22.26 3.45
CA GLY A 407 -0.32 20.83 3.48
C GLY A 407 -0.35 20.26 4.88
N ILE A 408 0.44 19.22 5.12
CA ILE A 408 0.55 18.60 6.45
C ILE A 408 2.01 18.47 6.86
N HIS A 409 2.31 18.68 8.15
CA HIS A 409 3.69 18.60 8.65
C HIS A 409 3.76 18.20 10.11
N ARG A 410 4.79 17.43 10.46
CA ARG A 410 5.00 16.99 11.83
C ARG A 410 5.78 18.04 12.60
N PHE A 411 5.21 18.47 13.71
CA PHE A 411 5.78 19.53 14.50
C PHE A 411 6.29 19.01 15.84
N TYR A 412 7.31 19.68 16.37
CA TYR A 412 7.89 19.39 17.69
C TYR A 412 6.92 19.77 18.80
N GLU A 413 6.43 18.79 19.54
CA GLU A 413 5.44 19.03 20.58
C GLU A 413 6.08 19.27 21.95
N GLU A 420 8.76 14.55 21.59
CA GLU A 420 7.60 14.00 20.90
C GLU A 420 7.08 14.94 19.83
N TYR A 421 6.70 14.38 18.68
CA TYR A 421 6.21 15.16 17.55
C TYR A 421 4.70 15.03 17.36
N LYS A 422 4.13 15.94 16.57
CA LYS A 422 2.69 15.91 16.29
C LYS A 422 2.43 16.51 14.90
N ASP A 423 1.50 15.93 14.16
CA ASP A 423 1.16 16.40 12.81
C ASP A 423 0.16 17.52 12.89
N TYR A 424 0.40 18.59 12.13
CA TYR A 424 -0.56 19.71 12.08
C TYR A 424 -0.89 20.15 10.65
N PHE A 425 -2.03 20.83 10.55
CA PHE A 425 -2.49 21.51 9.34
C PHE A 425 -1.54 22.72 9.14
N CYS A 426 -0.84 22.73 8.02
CA CYS A 426 0.25 23.69 7.84
C CYS A 426 0.32 24.39 6.46
N ILE A 427 1.11 25.47 6.44
CA ILE A 427 1.58 26.07 5.20
C ILE A 427 3.07 25.74 5.05
N SER A 428 3.53 25.66 3.82
CA SER A 428 4.90 25.27 3.55
C SER A 428 5.40 25.81 2.21
N LYS A 429 6.62 26.34 2.21
CA LYS A 429 7.25 26.78 0.97
C LYS A 429 8.08 25.63 0.37
N TRP A 430 8.36 24.63 1.20
CA TRP A 430 9.04 23.43 0.73
C TRP A 430 8.31 22.80 -0.45
N TYR A 431 6.99 22.76 -0.36
CA TYR A 431 6.14 22.23 -1.42
C TYR A 431 6.34 22.98 -2.71
N LEU A 432 6.71 24.24 -2.61
CA LEU A 432 6.75 25.12 -3.78
C LEU A 432 7.72 24.64 -4.85
N LYS A 433 8.82 24.02 -4.42
CA LYS A 433 9.77 23.44 -5.37
C LYS A 433 9.42 21.99 -5.73
N GLU A 434 8.77 21.29 -4.80
CA GLU A 434 8.40 19.91 -5.02
C GLU A 434 7.35 19.79 -6.10
N VAL A 435 6.44 20.77 -6.16
CA VAL A 435 5.37 20.74 -7.15
C VAL A 435 5.90 21.00 -8.56
N LYS A 436 7.12 21.53 -8.64
CA LYS A 436 7.77 21.72 -9.94
C LYS A 436 8.28 20.41 -10.55
N ARG A 437 8.54 19.42 -9.71
CA ARG A 437 9.05 18.13 -10.16
C ARG A 437 8.14 17.42 -11.15
N LYS A 438 8.76 16.75 -12.12
CA LYS A 438 8.06 15.92 -13.08
C LYS A 438 8.58 14.50 -12.90
N PRO A 439 7.69 13.51 -13.00
CA PRO A 439 6.24 13.69 -13.20
C PRO A 439 5.63 14.11 -11.86
N TYR A 440 4.45 14.72 -11.85
CA TYR A 440 3.89 15.26 -10.62
C TYR A 440 3.88 14.24 -9.50
N ASN A 441 4.43 14.63 -8.36
CA ASN A 441 4.50 13.74 -7.20
C ASN A 441 3.15 13.63 -6.49
N LEU A 442 2.58 12.45 -6.55
CA LEU A 442 1.27 12.23 -5.94
C LEU A 442 1.31 12.10 -4.42
N LYS A 443 2.50 11.91 -3.87
CA LYS A 443 2.68 11.71 -2.43
C LYS A 443 2.76 13.01 -1.61
N LEU A 444 2.85 14.15 -2.30
CA LEU A 444 2.91 15.44 -1.63
C LEU A 444 1.61 15.67 -0.84
N GLY A 445 1.76 16.14 0.40
CA GLY A 445 0.65 16.38 1.29
C GLY A 445 -0.03 17.70 1.02
N CYS A 446 0.37 18.34 -0.09
CA CYS A 446 -0.25 19.59 -0.55
C CYS A 446 -1.41 19.29 -1.50
N ASN A 447 -1.60 18.01 -1.79
CA ASN A 447 -2.66 17.53 -2.64
C ASN A 447 -3.95 17.24 -1.85
N TRP A 448 -5.02 17.96 -2.15
CA TRP A 448 -6.26 17.85 -1.38
C TRP A 448 -7.43 17.47 -2.27
N GLN A 449 -8.40 16.77 -1.70
CA GLN A 449 -9.69 16.61 -2.34
C GLN A 449 -10.81 16.98 -1.38
N PHE A 450 -11.95 17.38 -1.92
CA PHE A 450 -13.08 17.82 -1.12
C PHE A 450 -14.21 16.79 -1.19
N ILE A 451 -14.69 16.40 -0.02
CA ILE A 451 -15.68 15.34 0.09
C ILE A 451 -17.00 15.91 0.60
N PRO A 452 -17.99 16.05 -0.29
CA PRO A 452 -19.33 16.40 0.19
C PRO A 452 -20.08 15.13 0.51
N LYS A 453 -21.16 15.21 1.28
CA LYS A 453 -22.00 14.04 1.50
C LYS A 453 -22.58 13.63 0.15
N ASP A 454 -22.79 12.33 -0.03
CA ASP A 454 -23.31 11.80 -1.29
C ASP A 454 -24.16 10.58 -1.01
N GLU A 455 -25.32 10.46 -1.65
CA GLU A 455 -26.18 9.30 -1.40
C GLU A 455 -25.56 7.96 -1.82
N GLY A 456 -24.57 8.01 -2.70
CA GLY A 456 -23.83 6.82 -3.07
C GLY A 456 -22.78 6.39 -2.07
N TRP A 457 -22.56 7.18 -1.03
CA TRP A 457 -21.67 6.77 0.04
C TRP A 457 -22.36 6.87 1.38
N THR A 458 -22.67 5.73 1.98
CA THR A 458 -23.19 5.69 3.33
C THR A 458 -22.14 5.04 4.23
N GLU A 459 -22.08 5.46 5.49
CA GLU A 459 -21.13 4.85 6.42
C GLU A 459 -21.61 5.01 7.85
N ASN B 30 40.00 -1.66 5.51
CA ASN B 30 39.25 -0.73 4.68
C ASN B 30 38.54 0.40 5.46
N ASN B 31 39.34 1.34 5.97
CA ASN B 31 38.89 2.44 6.83
C ASN B 31 38.34 2.00 8.17
N ILE B 32 38.43 0.71 8.43
CA ILE B 32 37.78 0.14 9.60
C ILE B 32 38.65 0.21 10.83
N ILE B 33 38.11 0.78 11.90
CA ILE B 33 38.90 0.96 13.10
C ILE B 33 38.39 0.12 14.25
N LEU B 34 37.21 -0.45 14.10
CA LEU B 34 36.71 -1.45 15.03
C LEU B 34 35.77 -2.34 14.25
N ASN B 35 35.97 -3.66 14.38
CA ASN B 35 35.15 -4.65 13.67
C ASN B 35 34.81 -5.80 14.60
N LEU B 36 33.76 -5.64 15.40
CA LEU B 36 33.38 -6.68 16.36
C LEU B 36 32.85 -7.93 15.68
N ARG B 37 33.53 -9.06 15.90
CA ARG B 37 33.11 -10.32 15.31
C ARG B 37 33.21 -11.50 16.28
N TYR B 38 32.35 -12.47 16.04
CA TYR B 38 32.29 -13.70 16.80
C TYR B 38 33.54 -14.58 16.60
N LYS B 39 34.04 -15.14 17.69
CA LYS B 39 35.10 -16.15 17.64
C LYS B 39 35.18 -16.85 18.99
N ASP B 40 35.12 -18.18 18.97
CA ASP B 40 35.25 -19.02 20.17
C ASP B 40 34.35 -18.59 21.32
N ASN B 41 33.05 -18.58 21.08
CA ASN B 41 32.05 -18.13 22.04
C ASN B 41 32.46 -16.81 22.64
N ASN B 42 32.85 -15.88 21.78
CA ASN B 42 33.25 -14.58 22.25
C ASN B 42 33.11 -13.57 21.14
N LEU B 43 33.17 -12.30 21.51
CA LEU B 43 33.26 -11.22 20.56
C LEU B 43 34.65 -10.64 20.64
N ILE B 44 35.25 -10.40 19.49
CA ILE B 44 36.61 -9.94 19.39
C ILE B 44 36.67 -8.91 18.28
N ASP B 45 37.53 -7.91 18.44
CA ASP B 45 37.78 -6.91 17.41
C ASP B 45 38.73 -7.44 16.34
N LEU B 46 38.25 -7.54 15.11
CA LEU B 46 39.08 -8.02 14.01
C LEU B 46 39.46 -6.93 12.99
N SER B 47 39.44 -5.66 13.39
CA SER B 47 39.80 -4.56 12.50
C SER B 47 41.27 -4.57 12.09
N GLY B 48 42.10 -5.25 12.88
CA GLY B 48 43.52 -5.21 12.67
C GLY B 48 44.21 -4.23 13.60
N TYR B 49 43.44 -3.63 14.52
CA TYR B 49 43.99 -2.65 15.46
C TYR B 49 44.05 -3.09 16.93
N GLY B 50 43.49 -4.26 17.22
CA GLY B 50 43.71 -4.92 18.50
C GLY B 50 43.05 -4.29 19.72
N ALA B 51 41.81 -3.86 19.55
CA ALA B 51 41.04 -3.38 20.69
C ALA B 51 40.76 -4.50 21.69
N LYS B 52 40.61 -4.12 22.96
CA LYS B 52 40.16 -5.02 24.02
C LYS B 52 38.63 -5.13 24.01
N VAL B 53 38.11 -6.34 24.08
CA VAL B 53 36.68 -6.54 24.13
C VAL B 53 36.31 -7.43 25.31
N GLU B 54 35.48 -6.92 26.21
CA GLU B 54 35.05 -7.68 27.38
C GLU B 54 33.58 -7.99 27.26
N VAL B 55 33.25 -9.24 26.96
CA VAL B 55 31.86 -9.66 26.86
C VAL B 55 31.40 -10.32 28.16
N TYR B 56 30.42 -9.71 28.81
CA TYR B 56 29.99 -10.22 30.11
C TYR B 56 28.98 -11.32 29.95
N ASP B 57 28.79 -12.07 31.03
CA ASP B 57 28.15 -13.38 30.92
C ASP B 57 26.67 -13.30 30.57
N GLY B 58 26.07 -12.13 30.80
CA GLY B 58 24.66 -11.92 30.50
C GLY B 58 24.32 -11.69 29.03
N VAL B 59 25.35 -11.63 28.17
CA VAL B 59 25.14 -11.48 26.73
C VAL B 59 25.08 -12.85 26.06
N GLU B 60 24.02 -13.09 25.30
CA GLU B 60 23.90 -14.33 24.56
C GLU B 60 24.57 -14.21 23.19
N LEU B 61 25.33 -15.24 22.82
CA LEU B 61 26.05 -15.23 21.55
C LEU B 61 25.71 -16.48 20.74
N ASN B 62 25.92 -16.42 19.43
CA ASN B 62 25.88 -17.62 18.60
C ASN B 62 26.84 -17.52 17.41
N ASP B 63 27.11 -18.63 16.73
CA ASP B 63 28.11 -18.62 15.66
C ASP B 63 27.66 -17.92 14.39
N LYS B 64 26.50 -17.28 14.47
CA LYS B 64 25.97 -16.53 13.36
C LYS B 64 26.31 -15.05 13.50
N ASN B 65 27.21 -14.76 14.43
CA ASN B 65 27.65 -13.39 14.70
C ASN B 65 26.59 -12.50 15.35
N GLN B 66 25.51 -13.11 15.82
CA GLN B 66 24.42 -12.38 16.43
C GLN B 66 24.64 -12.31 17.93
N PHE B 67 24.35 -11.16 18.55
CA PHE B 67 24.42 -11.06 20.00
C PHE B 67 23.22 -10.34 20.59
N LYS B 68 22.89 -10.70 21.82
CA LYS B 68 21.66 -10.24 22.43
C LYS B 68 21.90 -9.52 23.77
N LEU B 69 21.37 -8.30 23.86
CA LEU B 69 21.45 -7.47 25.06
C LEU B 69 20.15 -7.57 25.83
N THR B 70 20.23 -7.98 27.10
CA THR B 70 19.03 -8.15 27.91
C THR B 70 18.90 -7.04 28.95
N SER B 71 17.88 -7.16 29.79
CA SER B 71 17.67 -6.19 30.87
C SER B 71 18.62 -6.45 32.05
N SER B 72 19.27 -7.60 32.06
CA SER B 72 20.09 -7.98 33.20
C SER B 72 21.35 -7.13 33.29
N ALA B 73 21.83 -6.91 34.51
CA ALA B 73 22.93 -5.98 34.77
C ALA B 73 24.28 -6.38 34.17
N ASN B 74 24.54 -7.68 34.06
CA ASN B 74 25.78 -8.16 33.46
C ASN B 74 25.63 -8.44 31.95
N SER B 75 24.53 -7.99 31.36
CA SER B 75 24.36 -8.10 29.93
C SER B 75 24.99 -6.89 29.25
N LYS B 76 26.30 -6.94 29.05
CA LYS B 76 27.02 -5.82 28.44
C LYS B 76 28.30 -6.22 27.73
N ILE B 77 28.79 -5.32 26.91
CA ILE B 77 30.09 -5.46 26.25
C ILE B 77 30.92 -4.18 26.45
N ARG B 78 32.13 -4.32 26.97
CA ARG B 78 33.05 -3.17 27.06
C ARG B 78 34.18 -3.29 26.05
N VAL B 79 34.30 -2.26 25.21
CA VAL B 79 35.36 -2.21 24.21
C VAL B 79 36.29 -1.07 24.53
N THR B 80 37.54 -1.43 24.73
CA THR B 80 38.57 -0.49 25.04
C THR B 80 39.46 -0.36 23.81
N GLN B 81 39.46 0.81 23.18
CA GLN B 81 40.31 1.03 22.02
C GLN B 81 41.76 0.90 22.44
N ASN B 82 42.59 0.38 21.54
CA ASN B 82 44.02 0.17 21.79
C ASN B 82 44.77 1.46 22.13
N GLN B 83 45.29 1.49 23.35
CA GLN B 83 46.03 2.64 23.88
C GLN B 83 47.54 2.56 23.62
N ASN B 84 47.97 1.48 22.99
CA ASN B 84 49.36 1.32 22.56
C ASN B 84 49.57 1.92 21.17
N ILE B 85 48.49 2.48 20.63
CA ILE B 85 48.41 2.98 19.27
C ILE B 85 47.80 4.37 19.29
N ILE B 86 48.38 5.29 18.51
CA ILE B 86 47.90 6.66 18.51
C ILE B 86 46.64 6.88 17.66
N PHE B 87 45.50 6.96 18.33
CA PHE B 87 44.27 7.44 17.71
C PHE B 87 44.12 8.93 18.04
N ASN B 88 43.32 9.65 17.27
CA ASN B 88 43.03 11.06 17.59
C ASN B 88 41.90 11.18 18.63
N SER B 89 42.04 12.09 19.58
CA SER B 89 41.04 12.20 20.64
C SER B 89 39.67 12.61 20.12
N VAL B 90 39.63 13.35 19.01
CA VAL B 90 38.35 13.65 18.38
C VAL B 90 38.39 13.27 16.91
N PHE B 91 37.36 12.56 16.46
CA PHE B 91 37.23 12.26 15.04
C PHE B 91 36.53 13.42 14.34
N LEU B 92 36.82 13.60 13.05
CA LEU B 92 36.02 14.50 12.20
C LEU B 92 34.99 13.67 11.40
N ASP B 93 35.50 12.87 10.48
CA ASP B 93 34.70 12.11 9.52
C ASP B 93 34.57 10.65 9.98
N PHE B 94 33.42 10.23 10.49
CA PHE B 94 33.31 8.85 10.95
C PHE B 94 31.91 8.25 10.80
N SER B 95 31.88 6.92 10.71
CA SER B 95 30.68 6.15 10.39
C SER B 95 30.53 4.94 11.29
N VAL B 96 29.29 4.55 11.58
CA VAL B 96 29.03 3.39 12.41
C VAL B 96 28.02 2.48 11.70
N SER B 97 28.34 1.19 11.57
CA SER B 97 27.38 0.31 10.93
C SER B 97 27.05 -0.91 11.80
N PHE B 98 25.84 -1.44 11.64
CA PHE B 98 25.43 -2.66 12.32
C PHE B 98 24.09 -3.13 11.81
N TRP B 99 23.79 -4.40 12.04
CA TRP B 99 22.45 -4.94 11.80
C TRP B 99 21.74 -5.06 13.14
N ILE B 100 20.44 -4.79 13.16
CA ILE B 100 19.66 -4.82 14.39
C ILE B 100 18.32 -5.52 14.18
N ARG B 101 17.80 -6.12 15.24
CA ARG B 101 16.48 -6.76 15.23
C ARG B 101 15.76 -6.39 16.52
N ILE B 102 14.75 -5.53 16.40
CA ILE B 102 14.10 -5.01 17.58
C ILE B 102 12.74 -5.67 17.79
N PRO B 103 12.52 -6.23 18.99
CA PRO B 103 11.26 -6.93 19.21
C PRO B 103 10.06 -6.03 19.05
N LYS B 104 8.92 -6.64 18.70
CA LYS B 104 7.63 -5.98 18.70
C LYS B 104 7.26 -5.54 20.12
N TYR B 105 6.47 -4.47 20.21
CA TYR B 105 5.83 -4.05 21.45
C TYR B 105 5.00 -5.18 22.06
N LYS B 106 4.81 -5.15 23.37
CA LYS B 106 3.83 -6.03 23.96
C LYS B 106 2.50 -5.35 23.74
N ASN B 107 1.49 -6.11 23.34
CA ASN B 107 0.19 -5.51 23.06
C ASN B 107 -0.41 -4.81 24.29
N ASP B 108 0.00 -5.22 25.49
CA ASP B 108 -0.49 -4.57 26.72
C ASP B 108 0.53 -3.66 27.39
N GLY B 109 1.70 -3.52 26.77
CA GLY B 109 2.75 -2.62 27.25
C GLY B 109 3.01 -1.49 26.27
N ILE B 110 1.99 -1.12 25.50
CA ILE B 110 2.13 -0.17 24.41
C ILE B 110 2.56 1.26 24.82
N GLN B 111 2.06 1.76 25.94
CA GLN B 111 2.43 3.11 26.33
C GLN B 111 3.89 3.19 26.75
N ASN B 112 4.37 2.14 27.39
CA ASN B 112 5.77 2.05 27.77
C ASN B 112 6.71 1.91 26.56
N TYR B 113 6.30 1.10 25.59
CA TYR B 113 7.02 0.97 24.32
C TYR B 113 7.30 2.32 23.71
N ILE B 114 6.23 3.10 23.50
CA ILE B 114 6.30 4.39 22.85
C ILE B 114 7.04 5.45 23.67
N HIS B 115 6.88 5.38 24.99
CA HIS B 115 7.38 6.45 25.85
C HIS B 115 8.77 6.22 26.45
N ASN B 116 9.12 4.97 26.72
CA ASN B 116 10.38 4.64 27.38
C ASN B 116 11.63 4.72 26.47
N GLU B 117 12.56 5.62 26.79
CA GLU B 117 13.83 5.63 26.07
C GLU B 117 14.92 4.93 26.86
N TYR B 118 15.73 4.15 26.15
CA TYR B 118 16.87 3.46 26.72
C TYR B 118 18.02 3.55 25.74
N THR B 119 19.24 3.64 26.28
CA THR B 119 20.47 3.61 25.49
C THR B 119 20.87 2.16 25.25
N ILE B 120 21.35 1.85 24.05
CA ILE B 120 21.83 0.50 23.76
C ILE B 120 23.36 0.45 23.61
N ILE B 121 23.95 1.52 23.10
CA ILE B 121 25.40 1.59 22.94
C ILE B 121 25.87 2.98 23.27
N ASN B 122 26.94 3.07 24.05
CA ASN B 122 27.41 4.35 24.58
C ASN B 122 28.88 4.52 24.35
N CYS B 123 29.29 5.68 23.88
CA CYS B 123 30.72 5.92 23.76
C CYS B 123 31.05 7.31 24.25
N MET B 124 31.21 7.45 25.56
CA MET B 124 31.39 8.75 26.21
C MET B 124 32.68 8.83 26.97
N LYS B 125 33.32 9.98 26.91
CA LYS B 125 34.46 10.27 27.77
C LYS B 125 34.36 11.74 28.11
N ASN B 126 34.44 12.04 29.40
CA ASN B 126 34.30 13.40 29.91
C ASN B 126 32.99 14.05 29.46
N ASN B 127 31.90 13.28 29.49
CA ASN B 127 30.56 13.72 29.10
C ASN B 127 30.43 14.11 27.64
N SER B 128 31.33 13.57 26.82
CA SER B 128 31.33 13.85 25.39
C SER B 128 31.57 12.56 24.62
N GLY B 129 30.96 12.46 23.45
CA GLY B 129 31.08 11.28 22.61
C GLY B 129 29.77 11.02 21.92
N TRP B 130 29.43 9.75 21.75
CA TRP B 130 28.16 9.38 21.12
C TRP B 130 27.35 8.32 21.86
N LYS B 131 26.08 8.21 21.49
CA LYS B 131 25.24 7.11 21.93
C LYS B 131 24.20 6.71 20.89
N ILE B 132 23.73 5.47 21.00
CA ILE B 132 22.62 4.97 20.22
C ILE B 132 21.50 4.57 21.18
N SER B 133 20.32 5.08 20.92
CA SER B 133 19.19 4.93 21.82
C SER B 133 18.02 4.40 21.05
N ILE B 134 17.07 3.84 21.79
CA ILE B 134 15.82 3.40 21.18
C ILE B 134 14.68 3.90 22.02
N ARG B 135 13.61 4.33 21.36
CA ARG B 135 12.38 4.64 22.06
C ARG B 135 11.31 4.00 21.22
N GLY B 136 10.91 2.78 21.56
CA GLY B 136 9.95 2.04 20.78
C GLY B 136 10.34 1.79 19.33
N ASN B 137 9.60 2.38 18.39
CA ASN B 137 9.85 2.21 16.96
C ASN B 137 10.82 3.24 16.38
N ARG B 138 11.61 3.84 17.26
CA ARG B 138 12.58 4.86 16.87
C ARG B 138 13.99 4.53 17.35
N ILE B 139 14.96 4.68 16.44
CA ILE B 139 16.36 4.50 16.78
C ILE B 139 17.09 5.82 16.61
N ILE B 140 17.85 6.20 17.62
CA ILE B 140 18.35 7.57 17.73
C ILE B 140 19.86 7.58 17.80
N TRP B 141 20.46 8.46 17.02
CA TRP B 141 21.91 8.69 17.04
C TRP B 141 22.18 10.03 17.65
N THR B 142 22.98 10.08 18.72
CA THR B 142 23.26 11.34 19.40
C THR B 142 24.76 11.66 19.55
N LEU B 143 25.11 12.86 19.13
CA LEU B 143 26.44 13.38 19.29
C LEU B 143 26.43 14.34 20.47
N ILE B 144 27.43 14.24 21.34
CA ILE B 144 27.54 15.17 22.45
C ILE B 144 28.93 15.79 22.48
N ASP B 145 29.01 17.09 22.27
CA ASP B 145 30.32 17.74 22.20
C ASP B 145 30.93 18.00 23.58
N ILE B 146 32.13 18.59 23.57
CA ILE B 146 32.94 18.77 24.75
C ILE B 146 32.27 19.61 25.83
N ASN B 147 31.44 20.55 25.39
CA ASN B 147 30.69 21.43 26.28
C ASN B 147 29.44 20.77 26.81
N GLY B 148 29.01 19.70 26.17
CA GLY B 148 27.80 19.05 26.61
C GLY B 148 26.61 19.42 25.75
N LYS B 149 26.89 20.10 24.65
CA LYS B 149 25.85 20.41 23.66
C LYS B 149 25.47 19.11 22.93
N THR B 150 24.22 19.00 22.50
CA THR B 150 23.75 17.75 21.94
C THR B 150 23.06 17.92 20.57
N LYS B 151 23.20 16.92 19.71
CA LYS B 151 22.48 16.88 18.45
C LYS B 151 22.04 15.47 18.15
N SER B 152 20.82 15.32 17.63
CA SER B 152 20.32 13.99 17.28
C SER B 152 19.81 13.87 15.86
N VAL B 153 19.75 12.64 15.39
CA VAL B 153 19.05 12.27 14.15
C VAL B 153 18.46 10.86 14.34
N PHE B 154 17.24 10.61 13.91
CA PHE B 154 16.66 9.29 14.12
C PHE B 154 15.99 8.68 12.92
N PHE B 155 15.77 7.37 13.00
CA PHE B 155 14.93 6.65 12.04
C PHE B 155 13.77 6.01 12.78
N GLU B 156 12.58 6.13 12.24
CA GLU B 156 11.41 5.58 12.90
C GLU B 156 10.57 4.80 11.90
N TYR B 157 10.12 3.61 12.28
CA TYR B 157 9.27 2.82 11.40
C TYR B 157 7.84 2.75 11.92
N ASN B 158 6.91 2.71 10.96
CA ASN B 158 5.49 2.62 11.19
C ASN B 158 5.11 1.48 12.13
N ILE B 159 4.19 1.73 13.05
CA ILE B 159 3.62 0.62 13.84
C ILE B 159 2.14 0.36 13.55
N ARG B 160 1.70 0.69 12.35
CA ARG B 160 0.32 0.47 11.93
C ARG B 160 0.21 -0.41 10.70
N GLU B 161 1.36 -0.88 10.21
CA GLU B 161 1.42 -1.66 8.98
C GLU B 161 0.80 -3.03 9.19
N ASP B 162 0.10 -3.52 8.16
CA ASP B 162 -0.37 -4.89 8.23
C ASP B 162 0.84 -5.81 8.38
N ILE B 163 1.81 -5.65 7.48
CA ILE B 163 3.08 -6.38 7.57
C ILE B 163 4.24 -5.39 7.55
N SER B 164 5.03 -5.37 8.62
CA SER B 164 6.16 -4.46 8.72
C SER B 164 7.45 -5.12 8.24
N GLU B 165 8.29 -4.32 7.56
CA GLU B 165 9.56 -4.80 7.07
C GLU B 165 10.61 -4.73 8.16
N TYR B 166 10.26 -4.06 9.26
CA TYR B 166 11.25 -3.78 10.29
C TYR B 166 11.02 -4.46 11.62
N ILE B 167 9.77 -4.53 12.07
CA ILE B 167 9.49 -5.08 13.38
C ILE B 167 9.93 -6.52 13.51
N ASN B 168 10.89 -6.73 14.42
CA ASN B 168 11.44 -8.03 14.76
C ASN B 168 12.20 -8.71 13.63
N ARG B 169 12.51 -7.93 12.61
CA ARG B 169 13.24 -8.47 11.47
C ARG B 169 14.56 -7.74 11.35
N TRP B 170 15.61 -8.50 11.10
CA TRP B 170 16.95 -7.96 10.87
C TRP B 170 16.97 -6.86 9.82
N PHE B 171 17.47 -5.70 10.20
CA PHE B 171 17.72 -4.66 9.21
C PHE B 171 19.08 -3.98 9.39
N PHE B 172 19.55 -3.32 8.35
CA PHE B 172 20.89 -2.76 8.30
C PHE B 172 20.91 -1.24 8.57
N VAL B 173 21.72 -0.82 9.53
CA VAL B 173 21.89 0.58 9.85
C VAL B 173 23.29 1.05 9.51
N THR B 174 23.41 2.25 8.96
CA THR B 174 24.72 2.90 8.85
C THR B 174 24.55 4.34 9.20
N ILE B 175 25.35 4.79 10.17
CA ILE B 175 25.34 6.19 10.58
C ILE B 175 26.60 6.84 10.08
N THR B 176 26.47 7.95 9.36
CA THR B 176 27.66 8.64 8.87
C THR B 176 27.73 10.04 9.42
N ASN B 177 28.95 10.50 9.67
CA ASN B 177 29.20 11.83 10.19
C ASN B 177 30.35 12.51 9.42
N ASN B 178 30.18 13.79 9.14
CA ASN B 178 31.30 14.65 8.79
C ASN B 178 31.24 15.80 9.78
N LEU B 179 31.81 16.94 9.45
CA LEU B 179 31.74 18.10 10.33
C LEU B 179 30.43 18.92 10.24
N ASN B 180 29.64 18.69 9.19
CA ASN B 180 28.43 19.46 8.92
C ASN B 180 27.13 18.72 9.18
N ASN B 181 27.14 17.42 8.88
CA ASN B 181 25.93 16.60 8.92
C ASN B 181 26.12 15.22 9.54
N ALA B 182 25.08 14.74 10.20
CA ALA B 182 25.00 13.34 10.60
C ALA B 182 23.84 12.70 9.83
N LYS B 183 24.09 11.56 9.19
CA LYS B 183 23.06 10.88 8.38
C LYS B 183 22.79 9.43 8.78
N ILE B 184 21.55 9.01 8.61
CA ILE B 184 21.17 7.61 8.79
C ILE B 184 20.75 6.98 7.49
N TYR B 185 21.37 5.84 7.16
CA TYR B 185 20.93 4.99 6.05
C TYR B 185 20.28 3.76 6.62
N ILE B 186 19.21 3.30 5.99
CA ILE B 186 18.64 2.02 6.40
C ILE B 186 18.63 1.14 5.18
N ASN B 187 19.24 -0.02 5.27
CA ASN B 187 19.32 -0.94 4.15
C ASN B 187 19.88 -0.29 2.89
N GLY B 188 20.97 0.47 3.04
CA GLY B 188 21.64 1.05 1.89
C GLY B 188 21.05 2.33 1.33
N LYS B 189 19.89 2.74 1.85
CA LYS B 189 19.18 3.93 1.37
C LYS B 189 19.22 5.06 2.42
N LEU B 190 19.37 6.31 1.99
CA LEU B 190 19.39 7.45 2.93
C LEU B 190 18.02 7.73 3.49
N GLU B 191 17.93 7.83 4.80
CA GLU B 191 16.66 7.98 5.48
C GLU B 191 16.55 9.31 6.19
N SER B 192 17.66 9.74 6.77
CA SER B 192 17.64 10.92 7.64
C SER B 192 18.93 11.74 7.57
N ASN B 193 18.84 13.02 7.92
CA ASN B 193 19.92 13.96 7.70
C ASN B 193 19.76 15.16 8.64
N THR B 194 20.66 15.31 9.60
CA THR B 194 20.65 16.48 10.49
C THR B 194 21.90 17.33 10.30
N ASP B 195 21.72 18.65 10.28
CA ASP B 195 22.82 19.60 10.34
C ASP B 195 23.44 19.60 11.74
N ILE B 196 24.75 19.43 11.84
CA ILE B 196 25.41 19.41 13.14
C ILE B 196 26.49 20.48 13.25
N LYS B 197 26.34 21.55 12.48
CA LYS B 197 27.32 22.62 12.48
C LYS B 197 27.40 23.38 13.80
N ASP B 198 26.30 23.43 14.54
CA ASP B 198 26.26 24.13 15.83
C ASP B 198 27.00 23.36 16.93
N ILE B 199 27.53 22.20 16.57
CA ILE B 199 28.23 21.30 17.49
C ILE B 199 29.74 21.50 17.45
N ARG B 200 30.37 21.47 18.62
CA ARG B 200 31.81 21.62 18.66
C ARG B 200 32.50 20.27 18.54
N GLU B 201 33.64 20.11 19.20
CA GLU B 201 34.43 18.89 19.08
C GLU B 201 33.76 17.75 19.81
N VAL B 202 33.73 16.58 19.19
CA VAL B 202 33.17 15.42 19.85
C VAL B 202 34.31 14.42 20.19
N ILE B 203 34.46 14.10 21.47
CA ILE B 203 35.48 13.14 21.93
C ILE B 203 35.21 11.70 21.48
N ALA B 204 36.27 11.05 20.99
CA ALA B 204 36.16 9.78 20.27
C ALA B 204 36.66 8.54 21.02
N ASN B 205 37.53 8.71 22.00
CA ASN B 205 38.30 7.57 22.52
C ASN B 205 37.78 6.92 23.79
N GLY B 206 36.52 7.14 24.14
CA GLY B 206 35.94 6.51 25.31
C GLY B 206 35.81 5.01 25.13
N GLU B 207 35.56 4.29 26.23
CA GLU B 207 35.24 2.88 26.14
C GLU B 207 33.87 2.83 25.50
N ILE B 208 33.63 1.82 24.67
CA ILE B 208 32.29 1.62 24.15
C ILE B 208 31.54 0.65 25.05
N ILE B 209 30.39 1.07 25.54
CA ILE B 209 29.59 0.18 26.37
C ILE B 209 28.31 -0.18 25.67
N PHE B 210 28.15 -1.48 25.41
CA PHE B 210 26.93 -2.04 24.86
C PHE B 210 26.09 -2.49 26.04
N LYS B 211 24.93 -1.87 26.25
CA LYS B 211 24.12 -2.22 27.41
C LYS B 211 22.79 -1.51 27.34
N LEU B 212 21.70 -2.26 27.49
CA LEU B 212 20.40 -1.61 27.56
C LEU B 212 20.35 -0.81 28.88
N ASP B 213 20.30 0.51 28.76
CA ASP B 213 20.36 1.36 29.92
C ASP B 213 19.25 2.39 29.81
N GLY B 214 18.35 2.38 30.80
CA GLY B 214 17.18 3.22 30.78
C GLY B 214 16.01 2.52 31.44
N ASP B 215 14.81 3.07 31.29
CA ASP B 215 13.65 2.45 31.92
C ASP B 215 13.10 1.41 30.97
N ILE B 216 13.42 0.15 31.25
CA ILE B 216 13.02 -0.94 30.36
C ILE B 216 12.38 -2.05 31.15
N ASP B 217 11.62 -2.90 30.47
CA ASP B 217 11.01 -4.07 31.09
C ASP B 217 11.95 -5.27 31.21
N ARG B 218 11.66 -6.15 32.16
CA ARG B 218 12.51 -7.31 32.46
C ARG B 218 12.56 -8.23 31.26
N THR B 219 11.59 -8.09 30.37
CA THR B 219 11.50 -8.88 29.16
C THR B 219 12.20 -8.19 27.98
N GLN B 220 12.72 -6.99 28.23
CA GLN B 220 13.35 -6.22 27.16
C GLN B 220 14.66 -6.80 26.64
N PHE B 221 14.78 -6.91 25.33
CA PHE B 221 16.04 -7.32 24.74
C PHE B 221 16.21 -6.72 23.36
N ILE B 222 17.43 -6.84 22.83
CA ILE B 222 17.81 -6.36 21.52
C ILE B 222 18.86 -7.30 20.96
N TRP B 223 18.69 -7.67 19.69
CA TRP B 223 19.69 -8.47 18.98
C TRP B 223 20.54 -7.59 18.08
N MET B 224 21.84 -7.87 18.00
CA MET B 224 22.71 -7.15 17.07
C MET B 224 23.74 -8.02 16.37
N LYS B 225 24.29 -7.51 15.28
CA LYS B 225 25.36 -8.21 14.58
C LYS B 225 26.17 -7.34 13.62
N TYR B 226 27.41 -7.75 13.38
CA TYR B 226 28.35 -7.03 12.50
C TYR B 226 28.54 -5.56 12.85
N PHE B 227 28.74 -5.23 14.11
CA PHE B 227 28.99 -3.85 14.51
C PHE B 227 30.37 -3.32 14.08
N SER B 228 30.40 -2.20 13.39
CA SER B 228 31.65 -1.69 12.82
C SER B 228 31.73 -0.18 12.89
N ILE B 229 32.97 0.30 13.10
CA ILE B 229 33.27 1.72 13.12
C ILE B 229 34.36 2.07 12.11
N PHE B 230 34.15 3.16 11.38
CA PHE B 230 35.08 3.64 10.36
C PHE B 230 35.58 5.04 10.65
N ASN B 231 36.83 5.31 10.30
CA ASN B 231 37.39 6.65 10.47
C ASN B 231 37.17 7.54 9.25
N THR B 232 36.11 7.24 8.50
CA THR B 232 35.77 7.98 7.32
C THR B 232 34.26 8.06 7.19
N GLU B 233 33.77 9.08 6.48
CA GLU B 233 32.37 9.17 6.10
C GLU B 233 32.12 8.27 4.90
N LEU B 234 31.31 7.23 5.07
CA LEU B 234 30.98 6.32 3.97
C LEU B 234 29.97 6.99 3.04
N SER B 235 30.08 6.71 1.74
CA SER B 235 29.15 7.19 0.74
C SER B 235 27.94 6.26 0.59
N GLN B 236 26.88 6.72 -0.07
CA GLN B 236 25.72 5.86 -0.31
C GLN B 236 26.17 4.68 -1.14
N SER B 237 27.01 4.95 -2.13
CA SER B 237 27.50 3.92 -3.04
C SER B 237 28.20 2.79 -2.30
N ASN B 238 29.06 3.15 -1.36
CA ASN B 238 29.83 2.19 -0.59
C ASN B 238 28.97 1.46 0.46
N ILE B 239 27.92 2.14 0.90
CA ILE B 239 27.00 1.60 1.89
C ILE B 239 26.03 0.58 1.25
N GLU B 240 25.49 0.94 0.10
CA GLU B 240 24.66 0.02 -0.66
C GLU B 240 25.47 -1.22 -1.00
N GLU B 241 26.77 -1.00 -1.25
CA GLU B 241 27.71 -2.09 -1.49
C GLU B 241 27.95 -2.90 -0.23
N ARG B 242 28.13 -2.23 0.91
CA ARG B 242 28.28 -2.94 2.18
C ARG B 242 27.03 -3.76 2.55
N TYR B 243 25.85 -3.23 2.28
CA TYR B 243 24.58 -3.92 2.57
C TYR B 243 24.41 -5.22 1.79
N LYS B 244 24.75 -5.21 0.51
CA LYS B 244 24.62 -6.39 -0.32
C LYS B 244 25.64 -7.47 0.08
N ILE B 245 26.86 -7.03 0.34
CA ILE B 245 27.91 -7.95 0.76
C ILE B 245 27.54 -8.61 2.09
N GLN B 246 27.06 -7.82 3.04
CA GLN B 246 26.68 -8.35 4.35
C GLN B 246 25.34 -9.06 4.34
N SER B 247 24.59 -8.87 3.25
CA SER B 247 23.34 -9.60 3.05
C SER B 247 23.55 -10.94 2.38
N TYR B 248 24.49 -11.00 1.44
CA TYR B 248 24.71 -12.21 0.67
C TYR B 248 25.03 -13.40 1.57
N SER B 249 24.40 -14.53 1.28
CA SER B 249 24.74 -15.78 1.94
C SER B 249 24.49 -17.01 1.06
N GLU B 250 25.07 -18.12 1.48
CA GLU B 250 24.89 -19.42 0.84
C GLU B 250 23.49 -19.97 1.10
N TYR B 251 22.94 -19.58 2.24
CA TYR B 251 21.62 -20.00 2.67
C TYR B 251 20.50 -19.04 2.37
N LEU B 252 19.29 -19.54 2.55
CA LEU B 252 18.09 -18.73 2.50
C LEU B 252 17.84 -18.31 3.93
N LYS B 253 16.90 -17.39 4.12
CA LYS B 253 16.61 -16.89 5.45
C LYS B 253 15.13 -17.00 5.78
N ASP B 254 14.76 -16.85 7.05
CA ASP B 254 13.34 -16.84 7.36
C ASP B 254 12.79 -15.39 7.35
N PHE B 255 11.50 -15.25 7.66
CA PHE B 255 10.81 -13.97 7.68
C PHE B 255 11.53 -12.97 8.55
N TRP B 256 12.17 -13.46 9.60
CA TRP B 256 12.82 -12.56 10.54
C TRP B 256 14.22 -12.18 10.11
N GLY B 257 14.72 -12.86 9.09
CA GLY B 257 16.07 -12.66 8.59
C GLY B 257 17.10 -13.64 9.10
N ASN B 258 16.66 -14.65 9.84
CA ASN B 258 17.60 -15.63 10.39
C ASN B 258 17.79 -16.71 9.37
N PRO B 259 18.82 -17.57 9.52
CA PRO B 259 18.98 -18.68 8.59
C PRO B 259 17.77 -19.60 8.52
N LEU B 260 17.42 -20.01 7.29
CA LEU B 260 16.32 -20.94 7.10
C LEU B 260 16.84 -22.32 7.41
N MET B 261 16.03 -23.09 8.14
CA MET B 261 16.48 -24.35 8.70
C MET B 261 15.62 -25.50 8.22
N TYR B 262 16.20 -26.68 8.17
CA TYR B 262 15.43 -27.87 7.94
C TYR B 262 14.83 -28.25 9.26
N ASN B 263 13.77 -29.05 9.22
CA ASN B 263 13.25 -29.71 10.41
C ASN B 263 12.73 -28.71 11.43
N LYS B 264 12.24 -27.59 10.93
CA LYS B 264 11.78 -26.51 11.80
C LYS B 264 10.39 -26.07 11.37
N GLU B 265 9.49 -25.97 12.33
CA GLU B 265 8.11 -25.56 12.09
C GLU B 265 8.08 -24.11 11.62
N TYR B 266 7.35 -23.85 10.53
CA TYR B 266 7.25 -22.51 9.98
C TYR B 266 5.82 -22.30 9.55
N TYR B 267 5.30 -21.11 9.80
CA TYR B 267 4.10 -20.63 9.12
C TYR B 267 4.59 -20.05 7.79
N MET B 268 3.73 -20.00 6.80
CA MET B 268 4.15 -19.55 5.47
C MET B 268 3.57 -18.20 5.12
N PHE B 269 4.40 -17.32 4.60
CA PHE B 269 3.98 -15.95 4.32
C PHE B 269 4.14 -15.70 2.82
N ASN B 270 3.15 -15.05 2.22
CA ASN B 270 3.23 -14.75 0.80
C ASN B 270 3.49 -13.28 0.55
N ALA B 271 4.66 -12.96 0.01
CA ALA B 271 5.02 -11.59 -0.25
C ALA B 271 4.19 -10.95 -1.37
N GLY B 272 3.45 -11.78 -2.10
CA GLY B 272 2.53 -11.30 -3.13
C GLY B 272 1.11 -11.16 -2.64
N ASN B 273 0.76 -11.88 -1.58
CA ASN B 273 -0.58 -11.82 -1.00
C ASN B 273 -0.46 -11.67 0.50
N LYS B 274 0.15 -10.57 0.94
CA LYS B 274 0.64 -10.41 2.31
C LYS B 274 -0.36 -10.83 3.39
N ASN B 275 -1.63 -10.51 3.17
CA ASN B 275 -2.67 -10.76 4.16
C ASN B 275 -3.37 -12.10 4.00
N SER B 276 -2.82 -12.93 3.12
CA SER B 276 -3.36 -14.25 2.85
C SER B 276 -2.59 -15.32 3.60
N TYR B 277 -3.28 -16.38 4.01
CA TYR B 277 -2.61 -17.53 4.59
C TYR B 277 -3.21 -18.85 4.09
N ILE B 278 -2.51 -19.95 4.31
CA ILE B 278 -2.90 -21.24 3.79
C ILE B 278 -3.65 -22.06 4.86
N LYS B 279 -4.86 -22.50 4.52
CA LYS B 279 -5.59 -23.41 5.41
C LYS B 279 -6.06 -24.66 4.66
N LEU B 280 -5.86 -25.83 5.25
CA LEU B 280 -6.37 -27.04 4.66
C LEU B 280 -7.87 -26.94 4.70
N LYS B 281 -8.49 -27.10 3.52
CA LYS B 281 -9.95 -27.07 3.41
C LYS B 281 -10.43 -28.25 4.19
N LYS B 282 -11.49 -28.06 4.98
CA LYS B 282 -11.97 -29.10 5.90
C LYS B 282 -12.33 -30.40 5.15
N ASP B 283 -11.64 -31.46 5.54
CA ASP B 283 -11.76 -32.81 4.94
C ASP B 283 -11.51 -32.89 3.43
N SER B 284 -10.79 -31.92 2.88
CA SER B 284 -10.46 -31.90 1.45
C SER B 284 -8.97 -31.60 1.32
N PRO B 285 -8.27 -32.36 0.46
CA PRO B 285 -6.80 -32.34 0.37
C PRO B 285 -6.22 -31.23 -0.49
N VAL B 286 -6.78 -30.04 -0.32
CA VAL B 286 -6.27 -28.86 -0.98
C VAL B 286 -6.13 -27.79 0.08
N GLY B 287 -5.25 -26.84 -0.17
CA GLY B 287 -5.08 -25.72 0.73
C GLY B 287 -5.86 -24.55 0.21
N GLU B 288 -6.89 -24.15 0.94
CA GLU B 288 -7.62 -22.93 0.62
C GLU B 288 -6.91 -21.75 1.26
N ILE B 289 -7.01 -20.58 0.63
CA ILE B 289 -6.29 -19.38 1.05
C ILE B 289 -7.22 -18.38 1.72
N LEU B 290 -6.88 -17.95 2.94
CA LEU B 290 -7.77 -17.09 3.75
C LEU B 290 -7.12 -15.75 4.10
N THR B 291 -7.92 -14.79 4.56
CA THR B 291 -7.41 -13.47 4.95
C THR B 291 -6.96 -13.46 6.41
N ARG B 292 -5.77 -12.92 6.65
CA ARG B 292 -5.23 -12.85 8.01
C ARG B 292 -6.13 -12.07 8.94
N SER B 293 -6.21 -12.55 10.17
CA SER B 293 -6.87 -11.80 11.21
C SER B 293 -5.95 -10.69 11.70
N LYS B 294 -6.57 -9.65 12.26
CA LYS B 294 -5.84 -8.46 12.65
C LYS B 294 -5.90 -8.22 14.16
N TYR B 295 -5.14 -7.22 14.58
CA TYR B 295 -5.18 -6.71 15.95
C TYR B 295 -6.63 -6.48 16.39
N ASN B 296 -7.01 -7.09 17.52
CA ASN B 296 -8.41 -7.06 17.97
C ASN B 296 -8.71 -6.17 19.17
N GLN B 297 -7.68 -5.66 19.81
CA GLN B 297 -7.89 -4.83 20.98
C GLN B 297 -8.17 -3.36 20.65
N ASN B 298 -8.17 -2.52 21.69
CA ASN B 298 -8.81 -1.20 21.59
C ASN B 298 -7.86 -0.02 21.34
N SER B 299 -6.56 -0.25 21.46
CA SER B 299 -5.55 0.78 21.21
C SER B 299 -5.46 1.22 19.75
N LYS B 300 -5.42 2.53 19.53
CA LYS B 300 -5.26 3.07 18.18
C LYS B 300 -3.88 3.70 17.91
N TYR B 301 -2.85 3.14 18.51
CA TYR B 301 -1.49 3.49 18.12
C TYR B 301 -0.95 2.42 17.20
N ILE B 302 -1.51 1.21 17.33
CA ILE B 302 -0.97 0.06 16.64
C ILE B 302 -2.00 -0.75 15.86
N ASN B 303 -1.53 -1.36 14.76
CA ASN B 303 -2.30 -2.32 14.02
C ASN B 303 -1.35 -3.32 13.38
N TYR B 304 -1.75 -4.58 13.33
CA TYR B 304 -0.97 -5.59 12.64
C TYR B 304 -1.87 -6.75 12.18
N ARG B 305 -1.33 -7.58 11.28
CA ARG B 305 -1.97 -8.83 10.91
C ARG B 305 -1.33 -9.96 11.68
N ASP B 306 -2.15 -10.95 12.07
CA ASP B 306 -1.62 -12.11 12.79
C ASP B 306 -0.64 -12.88 11.90
N LEU B 307 0.48 -13.33 12.49
CA LEU B 307 1.51 -14.04 11.73
C LEU B 307 1.51 -15.51 12.10
N TYR B 308 1.01 -15.80 13.29
CA TYR B 308 1.09 -17.14 13.82
C TYR B 308 -0.17 -17.92 13.53
N ILE B 309 -0.55 -17.96 12.26
CA ILE B 309 -1.78 -18.60 11.82
C ILE B 309 -1.57 -19.39 10.53
N GLY B 310 -2.50 -20.27 10.23
CA GLY B 310 -2.40 -21.13 9.07
C GLY B 310 -1.81 -22.49 9.41
N GLU B 311 -1.54 -23.28 8.38
CA GLU B 311 -0.91 -24.58 8.59
C GLU B 311 0.49 -24.40 9.12
N LYS B 312 0.99 -25.41 9.83
CA LYS B 312 2.37 -25.38 10.26
C LYS B 312 3.18 -26.29 9.33
N PHE B 313 4.07 -25.69 8.55
CA PHE B 313 4.86 -26.45 7.58
C PHE B 313 6.22 -26.79 8.15
N ILE B 314 6.90 -27.72 7.50
CA ILE B 314 8.22 -28.16 7.91
C ILE B 314 9.03 -28.61 6.68
N ILE B 315 10.29 -28.22 6.62
CA ILE B 315 11.11 -28.46 5.44
C ILE B 315 12.02 -29.65 5.67
N ARG B 316 12.04 -30.56 4.70
CA ARG B 316 12.87 -31.74 4.80
C ARG B 316 13.82 -31.84 3.62
N ARG B 317 15.01 -32.36 3.86
CA ARG B 317 15.95 -32.68 2.78
C ARG B 317 15.45 -33.87 1.99
N LYS B 318 15.94 -34.04 0.77
CA LYS B 318 15.60 -35.20 -0.02
C LYS B 318 16.75 -36.22 -0.13
N ASP B 327 19.87 -28.87 10.06
CA ASP B 327 20.88 -27.96 9.54
C ASP B 327 20.26 -26.85 8.68
N ILE B 328 21.10 -26.15 7.93
CA ILE B 328 20.70 -24.95 7.21
C ILE B 328 20.24 -25.23 5.78
N VAL B 329 19.13 -24.60 5.38
CA VAL B 329 18.64 -24.75 4.02
C VAL B 329 19.40 -23.79 3.10
N ARG B 330 20.06 -24.34 2.08
CA ARG B 330 20.85 -23.55 1.13
C ARG B 330 20.15 -23.49 -0.22
N LYS B 331 20.40 -22.42 -0.97
CA LYS B 331 19.80 -22.22 -2.29
C LYS B 331 20.06 -23.42 -3.21
N GLU B 332 19.10 -23.72 -4.10
CA GLU B 332 19.21 -24.82 -5.05
C GLU B 332 19.05 -26.21 -4.44
N ASP B 333 18.83 -26.28 -3.14
CA ASP B 333 18.60 -27.55 -2.46
C ASP B 333 17.33 -28.21 -2.99
N TYR B 334 17.25 -29.53 -2.87
CA TYR B 334 16.01 -30.24 -3.12
C TYR B 334 15.37 -30.64 -1.80
N ILE B 335 14.07 -30.39 -1.67
CA ILE B 335 13.41 -30.55 -0.38
C ILE B 335 12.08 -31.27 -0.58
N TYR B 336 11.42 -31.61 0.52
CA TYR B 336 9.99 -31.91 0.55
C TYR B 336 9.32 -30.83 1.39
N LEU B 337 8.21 -30.25 0.94
CA LEU B 337 7.50 -29.28 1.77
C LEU B 337 6.37 -29.96 2.51
N ASP B 338 6.48 -30.05 3.82
CA ASP B 338 5.51 -30.80 4.58
C ASP B 338 4.69 -29.93 5.52
N PHE B 339 3.70 -30.52 6.19
CA PHE B 339 2.93 -29.80 7.20
C PHE B 339 2.27 -30.78 8.16
N PHE B 340 1.78 -30.27 9.26
CA PHE B 340 1.20 -31.13 10.28
C PHE B 340 -0.31 -31.12 10.21
N ASN B 341 -0.86 -32.33 10.20
CA ASN B 341 -2.30 -32.53 10.16
C ASN B 341 -2.60 -33.74 10.97
N LEU B 342 -3.57 -33.63 11.88
CA LEU B 342 -3.99 -34.77 12.67
C LEU B 342 -2.82 -35.51 13.29
N ASN B 343 -1.90 -34.76 13.91
CA ASN B 343 -0.73 -35.31 14.60
C ASN B 343 0.09 -36.19 13.69
N GLN B 344 0.18 -35.80 12.43
CA GLN B 344 0.89 -36.59 11.45
C GLN B 344 1.54 -35.64 10.46
N GLU B 345 2.71 -36.01 9.95
CA GLU B 345 3.38 -35.21 8.95
C GLU B 345 2.86 -35.55 7.56
N TRP B 346 2.21 -34.58 6.93
CA TRP B 346 1.71 -34.69 5.56
C TRP B 346 2.70 -34.01 4.61
N ARG B 347 2.42 -34.07 3.31
CA ARG B 347 3.33 -33.56 2.29
C ARG B 347 2.57 -32.76 1.24
N VAL B 348 3.26 -31.87 0.55
CA VAL B 348 2.66 -31.08 -0.52
C VAL B 348 3.09 -31.67 -1.88
N TYR B 349 2.13 -32.09 -2.69
CA TYR B 349 2.42 -32.76 -3.95
C TYR B 349 1.83 -31.96 -5.07
N THR B 350 2.36 -32.16 -6.27
CA THR B 350 1.65 -31.69 -7.44
C THR B 350 1.29 -32.87 -8.34
N TYR B 351 0.04 -32.87 -8.79
CA TYR B 351 -0.39 -33.82 -9.79
C TYR B 351 0.58 -33.69 -10.97
N LYS B 352 1.04 -34.81 -11.52
CA LYS B 352 1.99 -34.78 -12.63
C LYS B 352 1.40 -34.26 -13.95
N TYR B 353 0.13 -34.59 -14.22
CA TYR B 353 -0.44 -34.38 -15.55
C TYR B 353 -1.60 -33.39 -15.59
N PHE B 354 -1.38 -32.23 -14.99
CA PHE B 354 -2.33 -31.13 -15.12
C PHE B 354 -2.10 -30.37 -16.43
N LYS B 355 -3.19 -30.00 -17.10
CA LYS B 355 -3.11 -29.36 -18.43
C LYS B 355 -3.26 -27.85 -18.35
N LYS B 356 -4.06 -27.36 -17.41
CA LYS B 356 -4.32 -25.93 -17.27
C LYS B 356 -3.03 -25.18 -16.95
N GLU B 357 -3.10 -23.86 -16.83
CA GLU B 357 -1.89 -23.06 -16.58
C GLU B 357 -1.42 -23.16 -15.14
N GLU B 358 -2.37 -23.34 -14.24
CA GLU B 358 -2.07 -23.64 -12.87
C GLU B 358 -3.06 -24.71 -12.39
N GLU B 359 -2.83 -25.26 -11.22
CA GLU B 359 -3.64 -26.33 -10.68
C GLU B 359 -3.53 -26.27 -9.18
N LYS B 360 -4.56 -26.74 -8.49
CA LYS B 360 -4.48 -26.90 -7.06
C LYS B 360 -3.43 -27.95 -6.68
N LEU B 361 -2.70 -27.68 -5.59
CA LEU B 361 -1.76 -28.67 -5.05
C LEU B 361 -2.49 -29.74 -4.24
N PHE B 362 -1.90 -30.92 -4.15
CA PHE B 362 -2.48 -32.05 -3.44
C PHE B 362 -1.80 -32.15 -2.10
N LEU B 363 -2.57 -32.00 -1.03
CA LEU B 363 -2.05 -32.03 0.34
C LEU B 363 -2.45 -33.33 1.02
N ALA B 364 -1.47 -34.15 1.39
CA ALA B 364 -1.75 -35.55 1.65
C ALA B 364 -0.68 -36.23 2.50
N PRO B 365 -0.97 -37.45 3.01
CA PRO B 365 0.03 -38.24 3.72
C PRO B 365 1.25 -38.57 2.87
N ILE B 366 2.33 -38.89 3.56
CA ILE B 366 3.53 -39.30 2.88
C ILE B 366 3.33 -40.69 2.27
N SER B 367 3.56 -40.81 0.97
CA SER B 367 3.27 -42.04 0.23
C SER B 367 3.95 -42.01 -1.14
N ASP B 368 4.36 -43.17 -1.62
CA ASP B 368 4.85 -43.29 -2.98
C ASP B 368 3.70 -43.38 -3.96
N SER B 369 3.78 -42.63 -5.04
CA SER B 369 2.73 -42.64 -6.04
C SER B 369 3.30 -42.16 -7.36
N ASP B 370 2.92 -42.83 -8.44
CA ASP B 370 3.42 -42.44 -9.76
C ASP B 370 2.61 -41.31 -10.39
N GLU B 371 1.59 -40.84 -9.69
CA GLU B 371 0.69 -39.81 -10.24
C GLU B 371 0.99 -38.42 -9.75
N PHE B 372 1.95 -38.31 -8.84
CA PHE B 372 2.26 -37.05 -8.21
C PHE B 372 3.75 -36.78 -8.13
N TYR B 373 4.11 -35.51 -8.16
CA TYR B 373 5.47 -35.09 -7.86
C TYR B 373 5.55 -34.60 -6.44
N ASN B 374 6.60 -34.99 -5.73
CA ASN B 374 6.82 -34.47 -4.38
C ASN B 374 8.10 -33.64 -4.20
N THR B 375 8.99 -33.69 -5.20
CA THR B 375 10.29 -33.04 -5.15
C THR B 375 10.28 -31.57 -5.52
N ILE B 376 10.76 -30.75 -4.59
CA ILE B 376 10.81 -29.30 -4.78
C ILE B 376 12.25 -28.85 -4.70
N GLN B 377 12.65 -27.97 -5.60
CA GLN B 377 13.92 -27.27 -5.47
C GLN B 377 13.68 -25.84 -4.98
N ILE B 378 14.36 -25.44 -3.92
CA ILE B 378 14.15 -24.10 -3.37
C ILE B 378 15.05 -23.08 -4.07
N LYS B 379 14.47 -21.92 -4.41
CA LYS B 379 15.10 -20.95 -5.28
C LYS B 379 15.16 -19.56 -4.67
N GLU B 380 16.02 -18.71 -5.25
CA GLU B 380 15.99 -17.28 -5.00
C GLU B 380 16.35 -16.56 -6.30
N TYR B 381 15.31 -16.20 -7.05
CA TYR B 381 15.46 -15.56 -8.35
C TYR B 381 15.86 -14.07 -8.26
N ASP B 382 15.56 -13.44 -7.12
CA ASP B 382 15.92 -12.05 -6.91
C ASP B 382 17.43 -11.91 -6.72
N GLU B 383 18.03 -10.91 -7.35
CA GLU B 383 19.46 -10.65 -7.18
C GLU B 383 19.75 -9.66 -6.05
N GLN B 384 18.76 -8.81 -5.74
CA GLN B 384 18.84 -7.90 -4.60
C GLN B 384 18.64 -8.65 -3.29
N PRO B 385 19.03 -8.03 -2.16
CA PRO B 385 18.78 -8.71 -0.88
C PRO B 385 17.28 -8.92 -0.65
N THR B 386 16.92 -10.11 -0.16
CA THR B 386 15.53 -10.45 0.11
C THR B 386 15.48 -11.58 1.15
N TYR B 387 14.33 -11.74 1.80
CA TYR B 387 14.11 -12.86 2.71
C TYR B 387 13.16 -13.84 2.07
N SER B 388 12.78 -13.54 0.82
CA SER B 388 11.90 -14.40 0.02
C SER B 388 12.60 -15.51 -0.77
N CYS B 389 11.86 -16.59 -1.01
CA CYS B 389 12.38 -17.68 -1.82
C CYS B 389 11.25 -18.23 -2.69
N GLN B 390 11.63 -19.05 -3.66
CA GLN B 390 10.63 -19.67 -4.52
C GLN B 390 10.76 -21.19 -4.45
N LEU B 391 9.65 -21.86 -4.78
CA LEU B 391 9.54 -23.28 -4.66
C LEU B 391 9.20 -23.85 -6.03
N LEU B 392 10.17 -24.50 -6.64
CA LEU B 392 10.03 -25.06 -7.97
C LEU B 392 9.85 -26.57 -7.97
N PHE B 393 8.74 -27.05 -8.53
CA PHE B 393 8.54 -28.50 -8.62
C PHE B 393 9.36 -29.16 -9.72
N LYS B 394 9.94 -30.30 -9.38
CA LYS B 394 10.81 -31.04 -10.28
C LYS B 394 10.37 -32.50 -10.40
N LYS B 395 10.85 -33.18 -11.43
CA LYS B 395 10.60 -34.61 -11.58
C LYS B 395 11.40 -35.39 -10.53
N ASP B 396 12.66 -34.98 -10.32
CA ASP B 396 13.54 -35.52 -9.27
C ASP B 396 14.74 -34.59 -9.05
N GLU B 397 15.76 -35.11 -8.38
CA GLU B 397 17.01 -34.40 -8.14
C GLU B 397 17.99 -34.38 -9.31
N GLU B 398 17.60 -34.98 -10.44
CA GLU B 398 18.49 -35.11 -11.59
C GLU B 398 17.91 -34.50 -12.87
N SER B 399 16.59 -34.49 -12.97
CA SER B 399 15.94 -34.00 -14.17
C SER B 399 16.10 -32.49 -14.25
N THR B 400 16.09 -31.98 -15.48
CA THR B 400 16.33 -30.57 -15.71
C THR B 400 15.05 -29.81 -16.08
N ASP B 401 14.00 -30.57 -16.41
CA ASP B 401 12.71 -30.00 -16.78
C ASP B 401 12.06 -29.34 -15.59
N GLU B 402 11.26 -28.30 -15.86
CA GLU B 402 10.59 -27.52 -14.82
C GLU B 402 9.09 -27.66 -14.94
N ILE B 403 8.45 -28.05 -13.84
CA ILE B 403 7.03 -28.36 -13.86
C ILE B 403 6.20 -27.11 -13.58
N GLY B 404 6.64 -26.34 -12.60
CA GLY B 404 5.92 -25.17 -12.18
C GLY B 404 6.37 -24.67 -10.82
N LEU B 405 5.92 -23.49 -10.44
CA LEU B 405 6.28 -22.89 -9.18
C LEU B 405 5.08 -22.83 -8.27
N ILE B 406 5.28 -23.12 -7.00
CA ILE B 406 4.22 -23.03 -6.01
C ILE B 406 3.79 -21.58 -5.84
N GLY B 407 2.48 -21.35 -5.81
CA GLY B 407 1.96 -20.01 -5.63
C GLY B 407 0.55 -19.98 -5.09
N ILE B 408 -0.18 -18.92 -5.45
CA ILE B 408 -1.59 -18.77 -5.08
C ILE B 408 -2.42 -18.35 -6.30
N HIS B 409 -3.61 -18.94 -6.46
CA HIS B 409 -4.43 -18.64 -7.62
C HIS B 409 -5.92 -18.82 -7.34
N ARG B 410 -6.74 -18.02 -8.02
CA ARG B 410 -8.19 -18.11 -7.91
C ARG B 410 -8.75 -19.09 -8.93
N PHE B 411 -9.47 -20.09 -8.45
CA PHE B 411 -10.01 -21.13 -9.32
C PHE B 411 -11.53 -21.02 -9.37
N TYR B 412 -12.12 -21.51 -10.46
CA TYR B 412 -13.56 -21.51 -10.65
C TYR B 412 -14.17 -22.48 -9.65
N GLU B 413 -14.98 -21.97 -8.73
CA GLU B 413 -15.58 -22.83 -7.71
C GLU B 413 -16.98 -23.31 -8.12
N SER B 414 -17.46 -22.82 -9.27
CA SER B 414 -18.80 -23.14 -9.76
C SER B 414 -19.89 -22.81 -8.74
N GLU B 420 -18.87 -18.24 -8.78
CA GLU B 420 -18.02 -17.74 -7.69
C GLU B 420 -16.63 -18.36 -7.72
N TYR B 421 -15.62 -17.54 -7.45
CA TYR B 421 -14.23 -17.98 -7.48
C TYR B 421 -13.72 -18.21 -6.04
N LYS B 422 -12.61 -18.92 -5.93
CA LYS B 422 -12.02 -19.22 -4.63
C LYS B 422 -10.51 -19.39 -4.81
N ASP B 423 -9.74 -18.83 -3.89
CA ASP B 423 -8.28 -18.88 -3.96
C ASP B 423 -7.73 -20.14 -3.33
N TYR B 424 -6.83 -20.79 -4.04
CA TYR B 424 -6.18 -22.00 -3.52
C TYR B 424 -4.66 -21.94 -3.61
N PHE B 425 -4.05 -22.84 -2.84
CA PHE B 425 -2.62 -23.16 -2.85
C PHE B 425 -2.37 -23.90 -4.17
N CYS B 426 -1.54 -23.32 -5.04
CA CYS B 426 -1.44 -23.83 -6.41
C CYS B 426 0.00 -24.04 -6.91
N ILE B 427 0.15 -24.82 -7.98
CA ILE B 427 1.37 -24.81 -8.78
C ILE B 427 1.04 -24.09 -10.08
N SER B 428 2.00 -23.40 -10.67
CA SER B 428 1.72 -22.58 -11.84
C SER B 428 2.89 -22.51 -12.81
N LYS B 429 2.59 -22.61 -14.11
CA LYS B 429 3.60 -22.51 -15.15
C LYS B 429 3.76 -21.06 -15.56
N TRP B 430 2.74 -20.28 -15.25
CA TRP B 430 2.72 -18.85 -15.50
C TRP B 430 3.88 -18.10 -14.81
N TYR B 431 4.16 -18.45 -13.55
CA TYR B 431 5.25 -17.83 -12.82
C TYR B 431 6.59 -18.08 -13.49
N LEU B 432 6.70 -19.18 -14.22
CA LEU B 432 8.00 -19.61 -14.71
C LEU B 432 8.68 -18.58 -15.60
N LYS B 433 7.91 -17.87 -16.41
CA LYS B 433 8.47 -16.79 -17.21
C LYS B 433 8.46 -15.43 -16.50
N GLU B 434 7.58 -15.27 -15.53
CA GLU B 434 7.49 -14.03 -14.76
C GLU B 434 8.73 -13.82 -13.90
N VAL B 435 9.31 -14.91 -13.41
CA VAL B 435 10.50 -14.83 -12.56
C VAL B 435 11.72 -14.43 -13.40
N LYS B 436 11.59 -14.57 -14.72
CA LYS B 436 12.61 -14.15 -15.68
C LYS B 436 12.68 -12.62 -15.88
N ARG B 437 11.56 -11.92 -15.66
CA ARG B 437 11.48 -10.46 -15.80
C ARG B 437 12.40 -9.67 -14.90
N LYS B 438 12.97 -8.60 -15.44
CA LYS B 438 13.81 -7.69 -14.67
C LYS B 438 13.24 -6.28 -14.68
N PRO B 439 13.25 -5.60 -13.52
CA PRO B 439 13.77 -6.08 -12.23
C PRO B 439 12.78 -7.06 -11.58
N TYR B 440 13.27 -7.88 -10.65
CA TYR B 440 12.46 -8.94 -10.08
C TYR B 440 11.15 -8.40 -9.53
N ASN B 441 10.04 -8.96 -9.98
CA ASN B 441 8.73 -8.51 -9.52
C ASN B 441 8.47 -9.04 -8.13
N LEU B 442 8.48 -8.14 -7.15
CA LEU B 442 8.32 -8.53 -5.77
C LEU B 442 6.87 -8.90 -5.46
N LYS B 443 5.98 -8.57 -6.38
CA LYS B 443 4.55 -8.81 -6.20
C LYS B 443 4.08 -10.21 -6.59
N LEU B 444 4.94 -11.00 -7.19
CA LEU B 444 4.56 -12.35 -7.60
C LEU B 444 4.15 -13.19 -6.40
N GLY B 445 3.10 -13.98 -6.56
CA GLY B 445 2.63 -14.86 -5.50
C GLY B 445 3.43 -16.16 -5.39
N CYS B 446 4.54 -16.24 -6.11
CA CYS B 446 5.46 -17.36 -5.97
C CYS B 446 6.55 -17.02 -4.96
N ASN B 447 6.53 -15.79 -4.46
CA ASN B 447 7.46 -15.33 -3.45
C ASN B 447 6.92 -15.66 -2.06
N TRP B 448 7.65 -16.50 -1.34
CA TRP B 448 7.25 -17.00 -0.04
C TRP B 448 8.30 -16.71 1.04
N GLN B 449 7.83 -16.49 2.27
CA GLN B 449 8.72 -16.41 3.43
C GLN B 449 8.19 -17.34 4.52
N PHE B 450 9.09 -17.78 5.39
CA PHE B 450 8.78 -18.74 6.44
C PHE B 450 8.83 -18.07 7.80
N ILE B 451 7.79 -18.25 8.61
CA ILE B 451 7.71 -17.59 9.90
C ILE B 451 7.73 -18.60 11.05
N PRO B 452 8.86 -18.68 11.77
CA PRO B 452 8.82 -19.51 12.97
C PRO B 452 8.36 -18.64 14.15
N LYS B 453 7.88 -19.24 15.22
CA LYS B 453 7.54 -18.48 16.40
C LYS B 453 8.83 -17.85 16.87
N ASP B 454 8.72 -16.62 17.36
CA ASP B 454 9.89 -15.86 17.76
C ASP B 454 9.47 -15.08 18.98
N GLU B 455 10.32 -15.05 19.99
CA GLU B 455 10.01 -14.33 21.21
C GLU B 455 9.90 -12.80 20.99
N GLY B 456 10.50 -12.31 19.92
CA GLY B 456 10.35 -10.92 19.55
C GLY B 456 9.03 -10.59 18.84
N TRP B 457 8.25 -11.62 18.53
CA TRP B 457 6.91 -11.40 17.99
C TRP B 457 5.85 -12.17 18.76
N THR B 458 5.07 -11.42 19.53
CA THR B 458 3.91 -11.94 20.25
C THR B 458 2.61 -11.34 19.71
N GLU B 459 1.52 -12.10 19.82
CA GLU B 459 0.20 -11.64 19.41
C GLU B 459 -0.98 -12.32 20.13
N ASP C 43 -12.64 40.53 21.09
CA ASP C 43 -11.72 40.27 22.21
C ASP C 43 -11.51 38.79 22.51
N MET C 44 -12.48 37.96 22.13
CA MET C 44 -12.33 36.52 22.25
C MET C 44 -11.29 36.12 21.20
N PHE C 45 -11.35 36.80 20.06
CA PHE C 45 -10.42 36.61 18.95
C PHE C 45 -8.99 36.85 19.37
N ALA C 46 -8.80 37.85 20.21
CA ALA C 46 -7.48 38.19 20.71
C ALA C 46 -6.96 37.03 21.56
N LYS C 47 -7.84 36.38 22.31
CA LYS C 47 -7.45 35.23 23.14
C LYS C 47 -7.00 34.07 22.25
N LEU C 48 -7.65 33.95 21.09
CA LEU C 48 -7.30 32.91 20.13
C LEU C 48 -5.97 33.21 19.47
N LYS C 49 -5.75 34.47 19.13
CA LYS C 49 -4.51 34.90 18.52
C LYS C 49 -3.34 34.65 19.45
N GLU C 50 -3.55 34.93 20.73
CA GLU C 50 -2.51 34.72 21.74
C GLU C 50 -2.14 33.24 21.82
N LYS C 51 -3.16 32.37 21.70
CA LYS C 51 -2.94 30.94 21.73
C LYS C 51 -2.15 30.49 20.50
N PHE C 52 -2.49 31.06 19.35
CA PHE C 52 -1.80 30.75 18.10
C PHE C 52 -0.30 31.00 18.24
N PHE C 53 0.02 32.16 18.81
CA PHE C 53 1.41 32.55 18.98
C PHE C 53 2.16 31.69 20.00
N ASN C 54 1.45 31.20 21.02
CA ASN C 54 1.99 30.13 21.87
C ASN C 54 2.36 28.93 21.02
N GLU C 55 1.37 28.49 20.24
CA GLU C 55 1.47 27.26 19.47
C GLU C 55 2.70 27.22 18.55
N ILE C 56 3.06 28.35 17.97
CA ILE C 56 4.17 28.37 17.01
C ILE C 56 5.53 28.79 17.61
N ASN C 57 5.56 29.00 18.92
CA ASN C 57 6.78 29.43 19.61
C ASN C 57 7.16 28.55 20.81
N SER D 40 -5.64 -46.79 6.91
CA SER D 40 -4.19 -46.88 7.00
C SER D 40 -3.52 -45.93 6.02
N GLN D 41 -2.21 -45.72 6.19
CA GLN D 41 -1.47 -44.65 5.50
C GLN D 41 -1.61 -44.67 3.98
N GLU D 42 -1.49 -45.85 3.39
CA GLU D 42 -1.56 -46.00 1.95
C GLU D 42 -3.02 -45.91 1.51
N ASP D 43 -3.91 -46.34 2.40
CA ASP D 43 -5.36 -46.23 2.21
C ASP D 43 -5.89 -44.83 2.38
N MET D 44 -5.26 -44.05 3.26
CA MET D 44 -5.69 -42.67 3.45
C MET D 44 -5.33 -41.86 2.23
N PHE D 45 -4.15 -42.14 1.69
CA PHE D 45 -3.65 -41.43 0.52
C PHE D 45 -4.59 -41.65 -0.66
N ALA D 46 -4.98 -42.90 -0.85
CA ALA D 46 -5.85 -43.29 -1.94
C ALA D 46 -7.26 -42.69 -1.79
N LYS D 47 -7.75 -42.64 -0.56
CA LYS D 47 -9.07 -42.08 -0.28
C LYS D 47 -9.11 -40.57 -0.58
N LEU D 48 -8.00 -39.92 -0.36
CA LEU D 48 -7.81 -38.50 -0.59
C LEU D 48 -7.48 -38.11 -2.00
N LYS D 49 -6.74 -38.94 -2.72
CA LYS D 49 -6.54 -38.73 -4.14
C LYS D 49 -7.85 -38.70 -4.88
N GLU D 50 -8.78 -39.50 -4.44
CA GLU D 50 -10.11 -39.49 -4.95
C GLU D 50 -10.77 -38.15 -4.83
N LYS D 51 -10.84 -37.64 -3.62
CA LYS D 51 -11.35 -36.31 -3.38
C LYS D 51 -10.66 -35.25 -4.16
N PHE D 52 -9.35 -35.32 -4.28
CA PHE D 52 -8.57 -34.32 -5.01
C PHE D 52 -9.05 -34.21 -6.44
N PHE D 53 -9.25 -35.34 -7.09
CA PHE D 53 -9.64 -35.31 -8.48
C PHE D 53 -11.04 -34.73 -8.68
N ASN D 54 -11.92 -34.96 -7.72
CA ASN D 54 -13.19 -34.26 -7.70
C ASN D 54 -12.92 -32.77 -7.61
N GLU D 55 -12.07 -32.40 -6.66
CA GLU D 55 -11.71 -31.01 -6.40
C GLU D 55 -11.18 -30.23 -7.61
N ILE D 56 -10.42 -30.89 -8.49
CA ILE D 56 -9.85 -30.19 -9.63
C ILE D 56 -10.65 -30.35 -10.91
N ASN D 57 -11.83 -30.94 -10.82
CA ASN D 57 -12.69 -31.08 -11.98
C ASN D 57 -14.11 -30.60 -11.71
#